data_1KFO
# 
_entry.id   1KFO 
# 
_audit_conform.dict_name       mmcif_pdbx.dic 
_audit_conform.dict_version    5.386 
_audit_conform.dict_location   http://mmcif.pdb.org/dictionaries/ascii/mmcif_pdbx.dic 
# 
loop_
_database_2.database_id 
_database_2.database_code 
_database_2.pdbx_database_accession 
_database_2.pdbx_DOI 
PDB   1KFO         pdb_00001kfo 10.2210/pdb1kfo/pdb 
NDB   AR0039       ?            ?                   
RCSB  RCSB014906   ?            ?                   
WWPDB D_1000014906 ?            ?                   
# 
loop_
_pdbx_audit_revision_history.ordinal 
_pdbx_audit_revision_history.data_content_type 
_pdbx_audit_revision_history.major_revision 
_pdbx_audit_revision_history.minor_revision 
_pdbx_audit_revision_history.revision_date 
1 'Structure model' 1 0 2001-12-07 
2 'Structure model' 1 1 2008-04-27 
3 'Structure model' 1 2 2011-07-13 
4 'Structure model' 1 3 2024-02-07 
# 
_pdbx_audit_revision_details.ordinal             1 
_pdbx_audit_revision_details.revision_ordinal    1 
_pdbx_audit_revision_details.data_content_type   'Structure model' 
_pdbx_audit_revision_details.provider            repository 
_pdbx_audit_revision_details.type                'Initial release' 
_pdbx_audit_revision_details.description         ? 
_pdbx_audit_revision_details.details             ? 
# 
loop_
_pdbx_audit_revision_group.ordinal 
_pdbx_audit_revision_group.revision_ordinal 
_pdbx_audit_revision_group.data_content_type 
_pdbx_audit_revision_group.group 
1 2 'Structure model' 'Version format compliance' 
2 3 'Structure model' 'Version format compliance' 
3 4 'Structure model' 'Data collection'           
4 4 'Structure model' 'Database references'       
5 4 'Structure model' 'Derived calculations'      
# 
loop_
_pdbx_audit_revision_category.ordinal 
_pdbx_audit_revision_category.revision_ordinal 
_pdbx_audit_revision_category.data_content_type 
_pdbx_audit_revision_category.category 
1 4 'Structure model' chem_comp_atom 
2 4 'Structure model' chem_comp_bond 
3 4 'Structure model' database_2     
4 4 'Structure model' struct_conn    
# 
loop_
_pdbx_audit_revision_item.ordinal 
_pdbx_audit_revision_item.revision_ordinal 
_pdbx_audit_revision_item.data_content_type 
_pdbx_audit_revision_item.item 
1 4 'Structure model' '_database_2.pdbx_DOI'                
2 4 'Structure model' '_database_2.pdbx_database_accession' 
3 4 'Structure model' '_struct_conn.pdbx_leaving_atom_flag' 
# 
_pdbx_database_status.status_code                     REL 
_pdbx_database_status.entry_id                        1KFO 
_pdbx_database_status.recvd_initial_deposition_date   2001-11-21 
_pdbx_database_status.deposit_site                    RCSB 
_pdbx_database_status.process_site                    RCSB 
_pdbx_database_status.SG_entry                        . 
_pdbx_database_status.pdb_format_compatible           Y 
_pdbx_database_status.status_code_mr                  ? 
_pdbx_database_status.status_code_sf                  ? 
_pdbx_database_status.status_code_cs                  ? 
_pdbx_database_status.status_code_nmr_data            ? 
_pdbx_database_status.methods_development_category    ? 
# 
loop_
_audit_author.name 
_audit_author.pdbx_ordinal 
'Lima, S.'        1 
'Hildenbrand, J.' 2 
'Korostelev, A.'  3 
'Hattman, S.'     4 
'Li, H.'          5 
# 
_citation.id                        primary 
_citation.title                     
'Crystal structure of an RNA helix recognized by a zinc-finger protein: an 18-bp duplex at 1.6 A resolution.' 
_citation.journal_abbrev            RNA 
_citation.journal_volume            8 
_citation.page_first                924 
_citation.page_last                 932 
_citation.year                      2002 
_citation.journal_id_ASTM           RNARFU 
_citation.country                   UK 
_citation.journal_id_ISSN           1355-8382 
_citation.journal_id_CSD            2122 
_citation.book_publisher            ? 
_citation.pdbx_database_id_PubMed   12166647 
_citation.pdbx_database_id_DOI      10.1017/S1355838202028893 
# 
loop_
_citation_author.citation_id 
_citation_author.name 
_citation_author.ordinal 
_citation_author.identifier_ORCID 
primary 'Lima, S.'        1 ? 
primary 'Hildenbrand, J.' 2 ? 
primary 'Korostelev, A.'  3 ? 
primary 'Hattman, S.'     4 ? 
primary 'Li, H.'          5 ? 
# 
loop_
_entity.id 
_entity.type 
_entity.src_method 
_entity.pdbx_description 
_entity.formula_weight 
_entity.pdbx_number_of_molecules 
_entity.pdbx_ec 
_entity.pdbx_mutation 
_entity.pdbx_fragment 
_entity.details 
1 polymer syn "5'-R(*GP*AP*AP*UP*GP*CP*CP*UP*GP*CP*GP*AP*GP*CP*AP*(5BU)P*CP*CP*C)-3'" 6131.561 1  ? ? ? ? 
2 water   nat water                                                                   18.015   38 ? ? ? ? 
# 
_entity_poly.entity_id                      1 
_entity_poly.type                           polyribonucleotide 
_entity_poly.nstd_linkage                   no 
_entity_poly.nstd_monomer                   yes 
_entity_poly.pdbx_seq_one_letter_code       'GAAUGCCUGCGAGCA(5BU)CCC' 
_entity_poly.pdbx_seq_one_letter_code_can   GAAUGCCUGCGAGCAUCCC 
_entity_poly.pdbx_strand_id                 A 
_entity_poly.pdbx_target_identifier         ? 
# 
_pdbx_entity_nonpoly.entity_id   2 
_pdbx_entity_nonpoly.name        water 
_pdbx_entity_nonpoly.comp_id     HOH 
# 
loop_
_entity_poly_seq.entity_id 
_entity_poly_seq.num 
_entity_poly_seq.mon_id 
_entity_poly_seq.hetero 
1 1  G   n 
1 2  A   n 
1 3  A   n 
1 4  U   n 
1 5  G   n 
1 6  C   n 
1 7  C   n 
1 8  U   n 
1 9  G   n 
1 10 C   n 
1 11 G   n 
1 12 A   n 
1 13 G   n 
1 14 C   n 
1 15 A   n 
1 16 5BU n 
1 17 C   n 
1 18 C   n 
1 19 C   n 
# 
loop_
_chem_comp.id 
_chem_comp.type 
_chem_comp.mon_nstd_flag 
_chem_comp.name 
_chem_comp.pdbx_synonyms 
_chem_comp.formula 
_chem_comp.formula_weight 
5BU 'RNA linking' n "5-BROMO-URIDINE-5'-MONOPHOSPHATE" ? 'C9 H12 Br N2 O9 P' 403.077 
A   'RNA linking' y "ADENOSINE-5'-MONOPHOSPHATE"       ? 'C10 H14 N5 O7 P'   347.221 
C   'RNA linking' y "CYTIDINE-5'-MONOPHOSPHATE"        ? 'C9 H14 N3 O8 P'    323.197 
G   'RNA linking' y "GUANOSINE-5'-MONOPHOSPHATE"       ? 'C10 H14 N5 O8 P'   363.221 
HOH non-polymer   . WATER                              ? 'H2 O'              18.015  
U   'RNA linking' y "URIDINE-5'-MONOPHOSPHATE"         ? 'C9 H13 N2 O9 P'    324.181 
# 
loop_
_pdbx_poly_seq_scheme.asym_id 
_pdbx_poly_seq_scheme.entity_id 
_pdbx_poly_seq_scheme.seq_id 
_pdbx_poly_seq_scheme.mon_id 
_pdbx_poly_seq_scheme.ndb_seq_num 
_pdbx_poly_seq_scheme.pdb_seq_num 
_pdbx_poly_seq_scheme.auth_seq_num 
_pdbx_poly_seq_scheme.pdb_mon_id 
_pdbx_poly_seq_scheme.auth_mon_id 
_pdbx_poly_seq_scheme.pdb_strand_id 
_pdbx_poly_seq_scheme.pdb_ins_code 
_pdbx_poly_seq_scheme.hetero 
A 1 1  G   1  1  1  G   G  A . n 
A 1 2  A   2  2  2  A   A  A . n 
A 1 3  A   3  3  3  A   A  A . n 
A 1 4  U   4  4  4  U   U  A . n 
A 1 5  G   5  5  5  G   G  A . n 
A 1 6  C   6  6  6  C   C  A . n 
A 1 7  C   7  7  7  C   C  A . n 
A 1 8  U   8  8  8  U   U  A . n 
A 1 9  G   9  9  9  G   G  A . n 
A 1 10 C   10 10 10 C   C  A . n 
A 1 11 G   11 11 11 G   G  A . n 
A 1 12 A   12 12 12 A   A  A . n 
A 1 13 G   13 13 13 G   G  A . n 
A 1 14 C   14 14 14 C   C  A . n 
A 1 15 A   15 15 15 A   A  A . n 
A 1 16 5BU 16 16 16 5BU +U A . n 
A 1 17 C   17 17 17 C   C  A . n 
A 1 18 C   18 18 18 C   C  A . n 
A 1 19 C   19 19 19 C   C  A . n 
# 
loop_
_pdbx_nonpoly_scheme.asym_id 
_pdbx_nonpoly_scheme.entity_id 
_pdbx_nonpoly_scheme.mon_id 
_pdbx_nonpoly_scheme.ndb_seq_num 
_pdbx_nonpoly_scheme.pdb_seq_num 
_pdbx_nonpoly_scheme.auth_seq_num 
_pdbx_nonpoly_scheme.pdb_mon_id 
_pdbx_nonpoly_scheme.auth_mon_id 
_pdbx_nonpoly_scheme.pdb_strand_id 
_pdbx_nonpoly_scheme.pdb_ins_code 
B 2 HOH 1  20 1  HOH TIP A . 
B 2 HOH 2  21 2  HOH TIP A . 
B 2 HOH 3  22 3  HOH TIP A . 
B 2 HOH 4  23 4  HOH TIP A . 
B 2 HOH 5  24 5  HOH TIP A . 
B 2 HOH 6  25 6  HOH TIP A . 
B 2 HOH 7  26 7  HOH TIP A . 
B 2 HOH 8  27 8  HOH TIP A . 
B 2 HOH 9  28 9  HOH TIP A . 
B 2 HOH 10 29 10 HOH TIP A . 
B 2 HOH 11 30 11 HOH TIP A . 
B 2 HOH 12 31 12 HOH TIP A . 
B 2 HOH 13 32 13 HOH TIP A . 
B 2 HOH 14 33 14 HOH TIP A . 
B 2 HOH 15 34 15 HOH TIP A . 
B 2 HOH 16 35 16 HOH TIP A . 
B 2 HOH 17 36 17 HOH TIP A . 
B 2 HOH 18 37 18 HOH TIP A . 
B 2 HOH 19 38 19 HOH TIP A . 
B 2 HOH 20 39 20 HOH TIP A . 
B 2 HOH 21 40 21 HOH TIP A . 
B 2 HOH 22 41 22 HOH TIP A . 
B 2 HOH 23 42 23 HOH TIP A . 
B 2 HOH 24 43 24 HOH TIP A . 
B 2 HOH 25 44 25 HOH TIP A . 
B 2 HOH 26 45 26 HOH TIP A . 
B 2 HOH 27 46 27 HOH TIP A . 
B 2 HOH 28 47 28 HOH TIP A . 
B 2 HOH 29 48 29 HOH TIP A . 
B 2 HOH 30 49 30 HOH TIP A . 
B 2 HOH 31 50 31 HOH TIP A . 
B 2 HOH 32 51 32 HOH TIP A . 
B 2 HOH 33 52 33 HOH TIP A . 
B 2 HOH 34 53 34 HOH TIP A . 
B 2 HOH 35 54 35 HOH TIP A . 
B 2 HOH 36 55 36 HOH TIP A . 
B 2 HOH 37 56 37 HOH TIP A . 
B 2 HOH 38 57 38 HOH TIP A . 
# 
_software.name             CNS 
_software.classification   refinement 
_software.version          1.0 
_software.citation_id      ? 
_software.pdbx_ordinal     1 
# 
_cell.entry_id           1KFO 
_cell.length_a           45.336 
_cell.length_b           45.336 
_cell.length_c           95.129 
_cell.angle_alpha        90.00 
_cell.angle_beta         90.00 
_cell.angle_gamma        120.00 
_cell.Z_PDB              12 
_cell.pdbx_unique_axis   ? 
# 
_symmetry.entry_id                         1KFO 
_symmetry.space_group_name_H-M             'P 63 2 2' 
_symmetry.pdbx_full_space_group_name_H-M   ? 
_symmetry.cell_setting                     ? 
_symmetry.Int_Tables_number                182 
# 
_exptl.entry_id          1KFO 
_exptl.method            'X-RAY DIFFRACTION' 
_exptl.crystals_number   ? 
# 
_exptl_crystal.id                    1 
_exptl_crystal.density_meas          ? 
_exptl_crystal.density_Matthews      2.30 
_exptl_crystal.density_percent_sol   46.55 
_exptl_crystal.description           ? 
# 
_diffrn.id                     1 
_diffrn.ambient_temp           ? 
_diffrn.ambient_temp_details   ? 
_diffrn.crystal_id             1 
# 
_diffrn_radiation.diffrn_id                        1 
_diffrn_radiation.wavelength_id                    1 
_diffrn_radiation.pdbx_monochromatic_or_laue_m_l   M 
_diffrn_radiation.monochromator                    ? 
_diffrn_radiation.pdbx_diffrn_protocol             'SINGLE WAVELENGTH' 
_diffrn_radiation.pdbx_scattering_type             x-ray 
# 
_diffrn_radiation_wavelength.id           1 
_diffrn_radiation_wavelength.wavelength   . 
_diffrn_radiation_wavelength.wt           1.0 
# 
_reflns.entry_id                     1KFO 
_reflns.observed_criterion_sigma_I   ? 
_reflns.observed_criterion_sigma_F   ? 
_reflns.d_resolution_low             ? 
_reflns.d_resolution_high            ? 
_reflns.number_obs                   ? 
_reflns.number_all                   ? 
_reflns.percent_possible_obs         ? 
_reflns.pdbx_Rmerge_I_obs            ? 
_reflns.pdbx_Rsym_value              ? 
_reflns.pdbx_netI_over_sigmaI        ? 
_reflns.B_iso_Wilson_estimate        16.5 
_reflns.pdbx_redundancy              ? 
_reflns.R_free_details               ? 
_reflns.pdbx_diffrn_id               1 
_reflns.pdbx_ordinal                 1 
# 
_refine.entry_id                                 1KFO 
_refine.ls_number_reflns_obs                     13798 
_refine.ls_number_reflns_all                     ? 
_refine.pdbx_ls_sigma_I                          ? 
_refine.pdbx_ls_sigma_F                          0.0 
_refine.pdbx_data_cutoff_high_absF               635784.22 
_refine.pdbx_data_cutoff_low_absF                0.000000 
_refine.ls_d_res_low                             16.69 
_refine.ls_d_res_high                            1.60 
_refine.ls_percent_reflns_obs                    95.4 
_refine.ls_R_factor_obs                          0.26 
_refine.ls_R_factor_all                          ? 
_refine.ls_R_factor_R_work                       0.26 
_refine.ls_R_factor_R_free                       0.288 
_refine.ls_R_factor_R_free_error                 0.008 
_refine.ls_R_factor_R_free_error_details         ? 
_refine.ls_percent_reflns_R_free                 9.8 
_refine.ls_number_reflns_R_free                  1346 
_refine.ls_number_parameters                     ? 
_refine.ls_number_restraints                     ? 
_refine.occupancy_min                            ? 
_refine.occupancy_max                            ? 
_refine.B_iso_mean                               28.8 
_refine.aniso_B[1][1]                            2.94 
_refine.aniso_B[2][2]                            2.94 
_refine.aniso_B[3][3]                            -5.88 
_refine.aniso_B[1][2]                            1.92 
_refine.aniso_B[1][3]                            0.00 
_refine.aniso_B[2][3]                            0.00 
_refine.solvent_model_details                    'FLAT MODEL' 
_refine.solvent_model_param_ksol                 0.456314 
_refine.solvent_model_param_bsol                 42.3081 
_refine.pdbx_ls_cross_valid_method               THROUGHOUT 
_refine.details                                  ? 
_refine.pdbx_starting_model                      ? 
_refine.pdbx_method_to_determine_struct          ? 
_refine.pdbx_isotropic_thermal_model             RESTRAINED 
_refine.pdbx_stereochemistry_target_values       ? 
_refine.pdbx_stereochem_target_val_spec_case     ? 
_refine.pdbx_R_Free_selection_details            RANDOM 
_refine.pdbx_overall_ESU_R_Free                  ? 
_refine.overall_SU_B                             ? 
_refine.ls_redundancy_reflns_obs                 ? 
_refine.correlation_coeff_Fo_to_Fc               ? 
_refine.overall_SU_R_Cruickshank_DPI             ? 
_refine.overall_SU_R_free                        ? 
_refine.overall_SU_ML                            ? 
_refine.pdbx_overall_ESU_R                       ? 
_refine.pdbx_data_cutoff_high_rms_absF           ? 
_refine.correlation_coeff_Fo_to_Fc_free          ? 
_refine.pdbx_solvent_vdw_probe_radii             ? 
_refine.pdbx_solvent_ion_probe_radii             ? 
_refine.pdbx_solvent_shrinkage_radii             ? 
_refine.pdbx_refine_id                           'X-RAY DIFFRACTION' 
_refine.pdbx_diffrn_id                           1 
_refine.pdbx_TLS_residual_ADP_flag               ? 
_refine.pdbx_overall_phase_error                 ? 
_refine.pdbx_overall_SU_R_free_Cruickshank_DPI   ? 
_refine.pdbx_overall_SU_R_Blow_DPI               ? 
_refine.pdbx_overall_SU_R_free_Blow_DPI          ? 
# 
_refine_analyze.entry_id                        1KFO 
_refine_analyze.Luzzati_coordinate_error_obs    0.25 
_refine_analyze.Luzzati_sigma_a_obs             0.07 
_refine_analyze.Luzzati_d_res_low_obs           5.00 
_refine_analyze.Luzzati_coordinate_error_free   0.29 
_refine_analyze.Luzzati_sigma_a_free            0.10 
_refine_analyze.Luzzati_d_res_low_free          ? 
_refine_analyze.number_disordered_residues      ? 
_refine_analyze.occupancy_sum_hydrogen          ? 
_refine_analyze.occupancy_sum_non_hydrogen      ? 
_refine_analyze.pdbx_refine_id                  'X-RAY DIFFRACTION' 
# 
_refine_hist.pdbx_refine_id                   'X-RAY DIFFRACTION' 
_refine_hist.cycle_id                         LAST 
_refine_hist.pdbx_number_atoms_protein        0 
_refine_hist.pdbx_number_atoms_nucleic_acid   400 
_refine_hist.pdbx_number_atoms_ligand         1 
_refine_hist.number_atoms_solvent             38 
_refine_hist.number_atoms_total               439 
_refine_hist.d_res_high                       1.60 
_refine_hist.d_res_low                        16.69 
# 
loop_
_refine_ls_restr.type 
_refine_ls_restr.dev_ideal 
_refine_ls_restr.dev_ideal_target 
_refine_ls_restr.weight 
_refine_ls_restr.number 
_refine_ls_restr.pdbx_refine_id 
_refine_ls_restr.pdbx_restraint_function 
c_bond_d                0.008 ? ? ? 'X-RAY DIFFRACTION' ? 
c_bond_d_na             ?     ? ? ? 'X-RAY DIFFRACTION' ? 
c_bond_d_prot           ?     ? ? ? 'X-RAY DIFFRACTION' ? 
c_angle_d               ?     ? ? ? 'X-RAY DIFFRACTION' ? 
c_angle_d_na            ?     ? ? ? 'X-RAY DIFFRACTION' ? 
c_angle_d_prot          ?     ? ? ? 'X-RAY DIFFRACTION' ? 
c_angle_deg             1.2   ? ? ? 'X-RAY DIFFRACTION' ? 
c_angle_deg_na          ?     ? ? ? 'X-RAY DIFFRACTION' ? 
c_angle_deg_prot        ?     ? ? ? 'X-RAY DIFFRACTION' ? 
c_dihedral_angle_d      6.0   ? ? ? 'X-RAY DIFFRACTION' ? 
c_dihedral_angle_d_na   ?     ? ? ? 'X-RAY DIFFRACTION' ? 
c_dihedral_angle_d_prot ?     ? ? ? 'X-RAY DIFFRACTION' ? 
c_improper_angle_d      1.25  ? ? ? 'X-RAY DIFFRACTION' ? 
c_improper_angle_d_na   ?     ? ? ? 'X-RAY DIFFRACTION' ? 
c_improper_angle_d_prot ?     ? ? ? 'X-RAY DIFFRACTION' ? 
c_mcbond_it             ?     ? ? ? 'X-RAY DIFFRACTION' ? 
c_mcangle_it            ?     ? ? ? 'X-RAY DIFFRACTION' ? 
c_scbond_it             ?     ? ? ? 'X-RAY DIFFRACTION' ? 
c_scangle_it            ?     ? ? ? 'X-RAY DIFFRACTION' ? 
# 
_refine_ls_shell.pdbx_total_number_of_bins_used   6 
_refine_ls_shell.d_res_high                       1.60 
_refine_ls_shell.d_res_low                        1.70 
_refine_ls_shell.number_reflns_R_work             1968 
_refine_ls_shell.R_factor_R_work                  0.286 
_refine_ls_shell.percent_reflns_obs               90.8 
_refine_ls_shell.R_factor_R_free                  0.317 
_refine_ls_shell.R_factor_R_free_error            0.022 
_refine_ls_shell.percent_reflns_R_free            9.8 
_refine_ls_shell.number_reflns_R_free             215 
_refine_ls_shell.redundancy_reflns_obs            ? 
_refine_ls_shell.pdbx_refine_id                   'X-RAY DIFFRACTION' 
_refine_ls_shell.number_reflns_all                ? 
_refine_ls_shell.R_factor_all                     ? 
# 
loop_
_pdbx_xplor_file.serial_no 
_pdbx_xplor_file.param_file 
_pdbx_xplor_file.topol_file 
_pdbx_xplor_file.pdbx_refine_id 
1 PROTEIN_REP.PARAM PROTEIN.TOP 'X-RAY DIFFRACTION' 
2 DNA-RNA_REP.PARAM ?           'X-RAY DIFFRACTION' 
3 WATER_REP.PARAM   ?           'X-RAY DIFFRACTION' 
# 
_struct.entry_id                  1KFO 
_struct.title                     
'CRYSTAL STRUCTURE OF AN RNA HELIX RECOGNIZED BY A ZINC-FINGER PROTEIN: AN 18 BASE PAIR DUPLEX AT 1.6 RESOLUTION' 
_struct.pdbx_model_details        ? 
_struct.pdbx_CASP_flag            ? 
_struct.pdbx_model_type_details   ? 
# 
_struct_keywords.entry_id        1KFO 
_struct_keywords.pdbx_keywords   RNA 
_struct_keywords.text            RNA 
# 
loop_
_struct_asym.id 
_struct_asym.pdbx_blank_PDB_chainid_flag 
_struct_asym.pdbx_modified 
_struct_asym.entity_id 
_struct_asym.details 
A N N 1 ? 
B N N 2 ? 
# 
_struct_ref.id                         1 
_struct_ref.entity_id                  1 
_struct_ref.db_name                    PDB 
_struct_ref.db_code                    1KFO 
_struct_ref.pdbx_db_accession          1KFO 
_struct_ref.pdbx_db_isoform            ? 
_struct_ref.pdbx_seq_one_letter_code   ? 
_struct_ref.pdbx_align_begin           ? 
# 
_struct_ref_seq.align_id                      1 
_struct_ref_seq.ref_id                        1 
_struct_ref_seq.pdbx_PDB_id_code              1KFO 
_struct_ref_seq.pdbx_strand_id                A 
_struct_ref_seq.seq_align_beg                 1 
_struct_ref_seq.pdbx_seq_align_beg_ins_code   ? 
_struct_ref_seq.seq_align_end                 19 
_struct_ref_seq.pdbx_seq_align_end_ins_code   ? 
_struct_ref_seq.pdbx_db_accession             1KFO 
_struct_ref_seq.db_align_beg                  1 
_struct_ref_seq.pdbx_db_align_beg_ins_code    ? 
_struct_ref_seq.db_align_end                  19 
_struct_ref_seq.pdbx_db_align_end_ins_code    ? 
_struct_ref_seq.pdbx_auth_seq_align_beg       1 
_struct_ref_seq.pdbx_auth_seq_align_end       19 
# 
_pdbx_struct_assembly.id                   1 
_pdbx_struct_assembly.details              author_defined_assembly 
_pdbx_struct_assembly.method_details       ? 
_pdbx_struct_assembly.oligomeric_details   dimeric 
_pdbx_struct_assembly.oligomeric_count     2 
# 
_pdbx_struct_assembly_gen.assembly_id       1 
_pdbx_struct_assembly_gen.oper_expression   1,2 
_pdbx_struct_assembly_gen.asym_id_list      A,B 
# 
loop_
_pdbx_struct_oper_list.id 
_pdbx_struct_oper_list.type 
_pdbx_struct_oper_list.name 
_pdbx_struct_oper_list.symmetry_operation 
_pdbx_struct_oper_list.matrix[1][1] 
_pdbx_struct_oper_list.matrix[1][2] 
_pdbx_struct_oper_list.matrix[1][3] 
_pdbx_struct_oper_list.vector[1] 
_pdbx_struct_oper_list.matrix[2][1] 
_pdbx_struct_oper_list.matrix[2][2] 
_pdbx_struct_oper_list.matrix[2][3] 
_pdbx_struct_oper_list.vector[2] 
_pdbx_struct_oper_list.matrix[3][1] 
_pdbx_struct_oper_list.matrix[3][2] 
_pdbx_struct_oper_list.matrix[3][3] 
_pdbx_struct_oper_list.vector[3] 
1 'identity operation'         1_555 x,y,z     1.0000000000  0.0000000000 0.0000000000  0.0000000000  0.0000000000 1.0000000000  0.0000000000  0.0000000000 0.0000000000  0.0000000000  1.0000000000 0.0000000000  
2 'crystal symmetry operation' 8_555 x-y,-y,-z -0.7346568302 0.2017801372 -0.6477376924 -4.6125362335 0.2017801372 -0.8465563527 -0.4925719419 5.3032090138 -0.6477376924 -0.4925719419 0.5812131829 -0.2374769056 
# 
_struct_biol.id                    1 
_struct_biol.pdbx_parent_biol_id   ? 
_struct_biol.details               ? 
# 
loop_
_struct_conn.id 
_struct_conn.conn_type_id 
_struct_conn.pdbx_leaving_atom_flag 
_struct_conn.pdbx_PDB_id 
_struct_conn.ptnr1_label_asym_id 
_struct_conn.ptnr1_label_comp_id 
_struct_conn.ptnr1_label_seq_id 
_struct_conn.ptnr1_label_atom_id 
_struct_conn.pdbx_ptnr1_label_alt_id 
_struct_conn.pdbx_ptnr1_PDB_ins_code 
_struct_conn.pdbx_ptnr1_standard_comp_id 
_struct_conn.ptnr1_symmetry 
_struct_conn.ptnr2_label_asym_id 
_struct_conn.ptnr2_label_comp_id 
_struct_conn.ptnr2_label_seq_id 
_struct_conn.ptnr2_label_atom_id 
_struct_conn.pdbx_ptnr2_label_alt_id 
_struct_conn.pdbx_ptnr2_PDB_ins_code 
_struct_conn.ptnr1_auth_asym_id 
_struct_conn.ptnr1_auth_comp_id 
_struct_conn.ptnr1_auth_seq_id 
_struct_conn.ptnr2_auth_asym_id 
_struct_conn.ptnr2_auth_comp_id 
_struct_conn.ptnr2_auth_seq_id 
_struct_conn.ptnr2_symmetry 
_struct_conn.pdbx_ptnr3_label_atom_id 
_struct_conn.pdbx_ptnr3_label_seq_id 
_struct_conn.pdbx_ptnr3_label_comp_id 
_struct_conn.pdbx_ptnr3_label_asym_id 
_struct_conn.pdbx_ptnr3_label_alt_id 
_struct_conn.pdbx_ptnr3_PDB_ins_code 
_struct_conn.details 
_struct_conn.pdbx_dist_value 
_struct_conn.pdbx_value_order 
_struct_conn.pdbx_role 
covale1  covale both ? A A   15 "O3'" ? ? ? 1_555 A 5BU 16 P  ? ? A A   15 A 5BU 16 1_555 ? ? ? ? ? ? ?             1.615 ? ? 
covale2  covale both ? A 5BU 16 "O3'" ? ? ? 1_555 A C   17 P  ? ? A 5BU 16 A C   17 1_555 ? ? ? ? ? ? ?             1.611 ? ? 
hydrog1  hydrog ?    ? A G   1  N1    ? ? ? 1_555 A C   18 N3 ? ? A G   1  A C   18 7_555 ? ? ? ? ? ? WATSON-CRICK  ?     ? ? 
hydrog2  hydrog ?    ? A G   1  N2    ? ? ? 1_555 A C   18 O2 ? ? A G   1  A C   18 7_555 ? ? ? ? ? ? WATSON-CRICK  ?     ? ? 
hydrog3  hydrog ?    ? A G   1  O6    ? ? ? 1_555 A C   18 N4 ? ? A G   1  A C   18 7_555 ? ? ? ? ? ? WATSON-CRICK  ?     ? ? 
hydrog4  hydrog ?    ? A A   2  N6    ? ? ? 1_555 A C   17 N3 ? ? A A   2  A C   17 7_555 ? ? ? ? ? ? 'A-C MISPAIR' ?     ? ? 
hydrog5  hydrog ?    ? A A   3  N1    ? ? ? 1_555 A 5BU 16 N3 ? ? A A   3  A 5BU 16 7_555 ? ? ? ? ? ? WATSON-CRICK  ?     ? ? 
hydrog6  hydrog ?    ? A A   3  N6    ? ? ? 1_555 A 5BU 16 O4 ? ? A A   3  A 5BU 16 7_555 ? ? ? ? ? ? WATSON-CRICK  ?     ? ? 
hydrog7  hydrog ?    ? A U   4  N3    ? ? ? 1_555 A A   15 N1 ? ? A U   4  A A   15 7_555 ? ? ? ? ? ? WATSON-CRICK  ?     ? ? 
hydrog8  hydrog ?    ? A U   4  O4    ? ? ? 1_555 A A   15 N6 ? ? A U   4  A A   15 7_555 ? ? ? ? ? ? WATSON-CRICK  ?     ? ? 
hydrog9  hydrog ?    ? A G   5  N1    ? ? ? 1_555 A C   14 N3 ? ? A G   5  A C   14 7_555 ? ? ? ? ? ? WATSON-CRICK  ?     ? ? 
hydrog10 hydrog ?    ? A G   5  N2    ? ? ? 1_555 A C   14 O2 ? ? A G   5  A C   14 7_555 ? ? ? ? ? ? WATSON-CRICK  ?     ? ? 
hydrog11 hydrog ?    ? A G   5  O6    ? ? ? 1_555 A C   14 N4 ? ? A G   5  A C   14 7_555 ? ? ? ? ? ? WATSON-CRICK  ?     ? ? 
hydrog12 hydrog ?    ? A C   6  N3    ? ? ? 1_555 A G   13 N1 ? ? A C   6  A G   13 7_555 ? ? ? ? ? ? WATSON-CRICK  ?     ? ? 
hydrog13 hydrog ?    ? A C   6  N4    ? ? ? 1_555 A G   13 O6 ? ? A C   6  A G   13 7_555 ? ? ? ? ? ? WATSON-CRICK  ?     ? ? 
hydrog14 hydrog ?    ? A C   6  O2    ? ? ? 1_555 A G   13 N2 ? ? A C   6  A G   13 7_555 ? ? ? ? ? ? WATSON-CRICK  ?     ? ? 
hydrog15 hydrog ?    ? A C   7  N3    ? ? ? 1_555 A A   12 N6 ? ? A C   7  A A   12 7_555 ? ? ? ? ? ? 'C-A MISPAIR' ?     ? ? 
hydrog16 hydrog ?    ? A U   8  N3    ? ? ? 1_555 A G   11 O6 ? ? A U   8  A G   11 7_555 ? ? ? ? ? ? TYPE_28_PAIR  ?     ? ? 
hydrog17 hydrog ?    ? A U   8  O2    ? ? ? 1_555 A G   11 N1 ? ? A U   8  A G   11 7_555 ? ? ? ? ? ? TYPE_28_PAIR  ?     ? ? 
hydrog18 hydrog ?    ? A G   9  N1    ? ? ? 1_555 A C   10 N3 ? ? A G   9  A C   10 7_555 ? ? ? ? ? ? WATSON-CRICK  ?     ? ? 
hydrog19 hydrog ?    ? A G   9  N2    ? ? ? 1_555 A C   10 O2 ? ? A G   9  A C   10 7_555 ? ? ? ? ? ? WATSON-CRICK  ?     ? ? 
hydrog20 hydrog ?    ? A G   9  O6    ? ? ? 1_555 A C   10 N4 ? ? A G   9  A C   10 7_555 ? ? ? ? ? ? WATSON-CRICK  ?     ? ? 
hydrog21 hydrog ?    ? A C   10 N3    ? ? ? 1_555 A G   9  N1 ? ? A C   10 A G   9  7_555 ? ? ? ? ? ? WATSON-CRICK  ?     ? ? 
hydrog22 hydrog ?    ? A C   10 N4    ? ? ? 1_555 A G   9  O6 ? ? A C   10 A G   9  7_555 ? ? ? ? ? ? WATSON-CRICK  ?     ? ? 
hydrog23 hydrog ?    ? A C   10 O2    ? ? ? 1_555 A G   9  N2 ? ? A C   10 A G   9  7_555 ? ? ? ? ? ? WATSON-CRICK  ?     ? ? 
hydrog24 hydrog ?    ? A G   11 N1    ? ? ? 1_555 A U   8  O2 ? ? A G   11 A U   8  7_555 ? ? ? ? ? ? TYPE_28_PAIR  ?     ? ? 
hydrog25 hydrog ?    ? A G   11 O6    ? ? ? 1_555 A U   8  N3 ? ? A G   11 A U   8  7_555 ? ? ? ? ? ? TYPE_28_PAIR  ?     ? ? 
hydrog26 hydrog ?    ? A A   12 N6    ? ? ? 1_555 A C   7  N3 ? ? A A   12 A C   7  7_555 ? ? ? ? ? ? 'A-C MISPAIR' ?     ? ? 
hydrog27 hydrog ?    ? A G   13 N1    ? ? ? 1_555 A C   6  N3 ? ? A G   13 A C   6  7_555 ? ? ? ? ? ? WATSON-CRICK  ?     ? ? 
hydrog28 hydrog ?    ? A G   13 N2    ? ? ? 1_555 A C   6  O2 ? ? A G   13 A C   6  7_555 ? ? ? ? ? ? WATSON-CRICK  ?     ? ? 
hydrog29 hydrog ?    ? A G   13 O6    ? ? ? 1_555 A C   6  N4 ? ? A G   13 A C   6  7_555 ? ? ? ? ? ? WATSON-CRICK  ?     ? ? 
hydrog30 hydrog ?    ? A C   14 N3    ? ? ? 1_555 A G   5  N1 ? ? A C   14 A G   5  7_555 ? ? ? ? ? ? WATSON-CRICK  ?     ? ? 
hydrog31 hydrog ?    ? A C   14 N4    ? ? ? 1_555 A G   5  O6 ? ? A C   14 A G   5  7_555 ? ? ? ? ? ? WATSON-CRICK  ?     ? ? 
hydrog32 hydrog ?    ? A C   14 O2    ? ? ? 1_555 A G   5  N2 ? ? A C   14 A G   5  7_555 ? ? ? ? ? ? WATSON-CRICK  ?     ? ? 
hydrog33 hydrog ?    ? A A   15 N1    ? ? ? 1_555 A U   4  N3 ? ? A A   15 A U   4  7_555 ? ? ? ? ? ? WATSON-CRICK  ?     ? ? 
hydrog34 hydrog ?    ? A A   15 N6    ? ? ? 1_555 A U   4  O4 ? ? A A   15 A U   4  7_555 ? ? ? ? ? ? WATSON-CRICK  ?     ? ? 
hydrog35 hydrog ?    ? A 5BU 16 N3    ? ? ? 1_555 A A   3  N1 ? ? A 5BU 16 A A   3  7_555 ? ? ? ? ? ? WATSON-CRICK  ?     ? ? 
hydrog36 hydrog ?    ? A 5BU 16 O4    ? ? ? 1_555 A A   3  N6 ? ? A 5BU 16 A A   3  7_555 ? ? ? ? ? ? WATSON-CRICK  ?     ? ? 
hydrog37 hydrog ?    ? A C   17 N3    ? ? ? 1_555 A A   2  N6 ? ? A C   17 A A   2  7_555 ? ? ? ? ? ? 'C-A MISPAIR' ?     ? ? 
hydrog38 hydrog ?    ? A C   18 N3    ? ? ? 1_555 A G   1  N1 ? ? A C   18 A G   1  7_555 ? ? ? ? ? ? WATSON-CRICK  ?     ? ? 
hydrog39 hydrog ?    ? A C   18 N4    ? ? ? 1_555 A G   1  O6 ? ? A C   18 A G   1  7_555 ? ? ? ? ? ? WATSON-CRICK  ?     ? ? 
hydrog40 hydrog ?    ? A C   18 O2    ? ? ? 1_555 A G   1  N2 ? ? A C   18 A G   1  7_555 ? ? ? ? ? ? WATSON-CRICK  ?     ? ? 
# 
loop_
_struct_conn_type.id 
_struct_conn_type.criteria 
_struct_conn_type.reference 
covale ? ? 
hydrog ? ? 
# 
loop_
_pdbx_validate_symm_contact.id 
_pdbx_validate_symm_contact.PDB_model_num 
_pdbx_validate_symm_contact.auth_atom_id_1 
_pdbx_validate_symm_contact.auth_asym_id_1 
_pdbx_validate_symm_contact.auth_comp_id_1 
_pdbx_validate_symm_contact.auth_seq_id_1 
_pdbx_validate_symm_contact.PDB_ins_code_1 
_pdbx_validate_symm_contact.label_alt_id_1 
_pdbx_validate_symm_contact.site_symmetry_1 
_pdbx_validate_symm_contact.auth_atom_id_2 
_pdbx_validate_symm_contact.auth_asym_id_2 
_pdbx_validate_symm_contact.auth_comp_id_2 
_pdbx_validate_symm_contact.auth_seq_id_2 
_pdbx_validate_symm_contact.PDB_ins_code_2 
_pdbx_validate_symm_contact.label_alt_id_2 
_pdbx_validate_symm_contact.site_symmetry_2 
_pdbx_validate_symm_contact.dist 
1  1 "O2'" A A 3 ? ? 1_555 "C4'" A C 19 ? ? 5_555 0.89 
2  1 "O2'" A A 3 ? ? 1_555 "C3'" A C 19 ? ? 5_555 1.05 
3  1 "C4'" A A 3 ? ? 1_555 "O2'" A C 19 ? ? 5_555 1.20 
4  1 "C3'" A A 3 ? ? 1_555 "O2'" A C 19 ? ? 5_555 1.36 
5  1 "O3'" A A 3 ? ? 1_555 "O2'" A C 19 ? ? 5_555 1.44 
6  1 "C2'" A A 3 ? ? 1_555 "O3'" A C 19 ? ? 5_555 1.55 
7  1 "O3'" A A 3 ? ? 1_555 "C2'" A C 19 ? ? 5_555 1.62 
8  1 "O2'" A A 3 ? ? 1_555 "O3'" A C 19 ? ? 5_555 1.64 
9  1 "O2'" A A 3 ? ? 1_555 "C5'" A C 19 ? ? 5_555 1.74 
10 1 "C2'" A A 3 ? ? 1_555 "C3'" A C 19 ? ? 5_555 1.90 
11 1 "C2'" A A 3 ? ? 1_555 "C4'" A C 19 ? ? 5_555 1.91 
12 1 "C5'" A A 3 ? ? 1_555 "O2'" A C 19 ? ? 5_555 1.92 
13 1 "O3'" A A 3 ? ? 1_555 "O3'" A C 19 ? ? 5_555 1.99 
14 1 "C3'" A A 3 ? ? 1_555 "O3'" A C 19 ? ? 5_555 2.04 
15 1 "O3'" A A 3 ? ? 1_555 "C3'" A C 19 ? ? 5_555 2.11 
16 1 "C3'" A A 3 ? ? 1_555 "C2'" A C 19 ? ? 5_555 2.13 
17 1 "C5'" A U 4 ? ? 1_555 "O3'" A C 19 ? ? 5_555 2.19 
# 
_pdbx_validate_rmsd_bond.id                        1 
_pdbx_validate_rmsd_bond.PDB_model_num             1 
_pdbx_validate_rmsd_bond.auth_atom_id_1            P 
_pdbx_validate_rmsd_bond.auth_asym_id_1            A 
_pdbx_validate_rmsd_bond.auth_comp_id_1            C 
_pdbx_validate_rmsd_bond.auth_seq_id_1             19 
_pdbx_validate_rmsd_bond.PDB_ins_code_1            ? 
_pdbx_validate_rmsd_bond.label_alt_id_1            ? 
_pdbx_validate_rmsd_bond.auth_atom_id_2            "O5'" 
_pdbx_validate_rmsd_bond.auth_asym_id_2            A 
_pdbx_validate_rmsd_bond.auth_comp_id_2            C 
_pdbx_validate_rmsd_bond.auth_seq_id_2             19 
_pdbx_validate_rmsd_bond.PDB_ins_code_2            ? 
_pdbx_validate_rmsd_bond.label_alt_id_2            ? 
_pdbx_validate_rmsd_bond.bond_value                1.468 
_pdbx_validate_rmsd_bond.bond_target_value         1.593 
_pdbx_validate_rmsd_bond.bond_deviation            -0.125 
_pdbx_validate_rmsd_bond.bond_standard_deviation   0.010 
_pdbx_validate_rmsd_bond.linker_flag               N 
# 
loop_
_pdbx_validate_rmsd_angle.id 
_pdbx_validate_rmsd_angle.PDB_model_num 
_pdbx_validate_rmsd_angle.auth_atom_id_1 
_pdbx_validate_rmsd_angle.auth_asym_id_1 
_pdbx_validate_rmsd_angle.auth_comp_id_1 
_pdbx_validate_rmsd_angle.auth_seq_id_1 
_pdbx_validate_rmsd_angle.PDB_ins_code_1 
_pdbx_validate_rmsd_angle.label_alt_id_1 
_pdbx_validate_rmsd_angle.auth_atom_id_2 
_pdbx_validate_rmsd_angle.auth_asym_id_2 
_pdbx_validate_rmsd_angle.auth_comp_id_2 
_pdbx_validate_rmsd_angle.auth_seq_id_2 
_pdbx_validate_rmsd_angle.PDB_ins_code_2 
_pdbx_validate_rmsd_angle.label_alt_id_2 
_pdbx_validate_rmsd_angle.auth_atom_id_3 
_pdbx_validate_rmsd_angle.auth_asym_id_3 
_pdbx_validate_rmsd_angle.auth_comp_id_3 
_pdbx_validate_rmsd_angle.auth_seq_id_3 
_pdbx_validate_rmsd_angle.PDB_ins_code_3 
_pdbx_validate_rmsd_angle.label_alt_id_3 
_pdbx_validate_rmsd_angle.angle_value 
_pdbx_validate_rmsd_angle.angle_target_value 
_pdbx_validate_rmsd_angle.angle_deviation 
_pdbx_validate_rmsd_angle.angle_standard_deviation 
_pdbx_validate_rmsd_angle.linker_flag 
1 1 "O4'" A G 11 ? ? "C1'" A G 11 ? ? N9  A G 11 ? ? 112.84 108.50 4.34   0.70 N 
2 1 "O5'" A C 19 ? ? P     A C 19 ? ? OP2 A C 19 ? ? 88.43  105.70 -17.27 0.90 N 
# 
_pdbx_struct_mod_residue.id               1 
_pdbx_struct_mod_residue.label_asym_id    A 
_pdbx_struct_mod_residue.label_comp_id    5BU 
_pdbx_struct_mod_residue.label_seq_id     16 
_pdbx_struct_mod_residue.auth_asym_id     A 
_pdbx_struct_mod_residue.auth_comp_id     5BU 
_pdbx_struct_mod_residue.auth_seq_id      16 
_pdbx_struct_mod_residue.PDB_ins_code     ? 
_pdbx_struct_mod_residue.parent_comp_id   U 
_pdbx_struct_mod_residue.details          "5-BROMO-URIDINE-5'-MONOPHOSPHATE" 
# 
_pdbx_database_remark.id     99 
_pdbx_database_remark.text   
;Short contacts exhibited by residue 19 are due to the
fact that residue 19 was not included in refinement and
was left unrefined.
;
# 
loop_
_chem_comp_atom.comp_id 
_chem_comp_atom.atom_id 
_chem_comp_atom.type_symbol 
_chem_comp_atom.pdbx_aromatic_flag 
_chem_comp_atom.pdbx_stereo_config 
_chem_comp_atom.pdbx_ordinal 
5BU P      P  N N 1   
5BU OP1    O  N N 2   
5BU OP2    O  N N 3   
5BU OP3    O  N N 4   
5BU "O5'"  O  N N 5   
5BU "C5'"  C  N N 6   
5BU "C4'"  C  N R 7   
5BU "O4'"  O  N N 8   
5BU "C3'"  C  N S 9   
5BU "O3'"  O  N N 10  
5BU "C2'"  C  N R 11  
5BU "O2'"  O  N N 12  
5BU "C1'"  C  N R 13  
5BU N1     N  N N 14  
5BU C2     C  N N 15  
5BU O2     O  N N 16  
5BU N3     N  N N 17  
5BU C4     C  N N 18  
5BU O4     O  N N 19  
5BU C5     C  N N 20  
5BU C6     C  N N 21  
5BU BR     BR N N 22  
5BU HOP2   H  N N 23  
5BU HOP3   H  N N 24  
5BU "H5'"  H  N N 25  
5BU "H5''" H  N N 26  
5BU "H4'"  H  N N 27  
5BU "H3'"  H  N N 28  
5BU "HO3'" H  N N 29  
5BU "H2'"  H  N N 30  
5BU "HO2'" H  N N 31  
5BU "H1'"  H  N N 32  
5BU H3     H  N N 33  
5BU H6     H  N N 34  
A   OP3    O  N N 35  
A   P      P  N N 36  
A   OP1    O  N N 37  
A   OP2    O  N N 38  
A   "O5'"  O  N N 39  
A   "C5'"  C  N N 40  
A   "C4'"  C  N R 41  
A   "O4'"  O  N N 42  
A   "C3'"  C  N S 43  
A   "O3'"  O  N N 44  
A   "C2'"  C  N R 45  
A   "O2'"  O  N N 46  
A   "C1'"  C  N R 47  
A   N9     N  Y N 48  
A   C8     C  Y N 49  
A   N7     N  Y N 50  
A   C5     C  Y N 51  
A   C6     C  Y N 52  
A   N6     N  N N 53  
A   N1     N  Y N 54  
A   C2     C  Y N 55  
A   N3     N  Y N 56  
A   C4     C  Y N 57  
A   HOP3   H  N N 58  
A   HOP2   H  N N 59  
A   "H5'"  H  N N 60  
A   "H5''" H  N N 61  
A   "H4'"  H  N N 62  
A   "H3'"  H  N N 63  
A   "HO3'" H  N N 64  
A   "H2'"  H  N N 65  
A   "HO2'" H  N N 66  
A   "H1'"  H  N N 67  
A   H8     H  N N 68  
A   H61    H  N N 69  
A   H62    H  N N 70  
A   H2     H  N N 71  
C   OP3    O  N N 72  
C   P      P  N N 73  
C   OP1    O  N N 74  
C   OP2    O  N N 75  
C   "O5'"  O  N N 76  
C   "C5'"  C  N N 77  
C   "C4'"  C  N R 78  
C   "O4'"  O  N N 79  
C   "C3'"  C  N S 80  
C   "O3'"  O  N N 81  
C   "C2'"  C  N R 82  
C   "O2'"  O  N N 83  
C   "C1'"  C  N R 84  
C   N1     N  N N 85  
C   C2     C  N N 86  
C   O2     O  N N 87  
C   N3     N  N N 88  
C   C4     C  N N 89  
C   N4     N  N N 90  
C   C5     C  N N 91  
C   C6     C  N N 92  
C   HOP3   H  N N 93  
C   HOP2   H  N N 94  
C   "H5'"  H  N N 95  
C   "H5''" H  N N 96  
C   "H4'"  H  N N 97  
C   "H3'"  H  N N 98  
C   "HO3'" H  N N 99  
C   "H2'"  H  N N 100 
C   "HO2'" H  N N 101 
C   "H1'"  H  N N 102 
C   H41    H  N N 103 
C   H42    H  N N 104 
C   H5     H  N N 105 
C   H6     H  N N 106 
G   OP3    O  N N 107 
G   P      P  N N 108 
G   OP1    O  N N 109 
G   OP2    O  N N 110 
G   "O5'"  O  N N 111 
G   "C5'"  C  N N 112 
G   "C4'"  C  N R 113 
G   "O4'"  O  N N 114 
G   "C3'"  C  N S 115 
G   "O3'"  O  N N 116 
G   "C2'"  C  N R 117 
G   "O2'"  O  N N 118 
G   "C1'"  C  N R 119 
G   N9     N  Y N 120 
G   C8     C  Y N 121 
G   N7     N  Y N 122 
G   C5     C  Y N 123 
G   C6     C  N N 124 
G   O6     O  N N 125 
G   N1     N  N N 126 
G   C2     C  N N 127 
G   N2     N  N N 128 
G   N3     N  N N 129 
G   C4     C  Y N 130 
G   HOP3   H  N N 131 
G   HOP2   H  N N 132 
G   "H5'"  H  N N 133 
G   "H5''" H  N N 134 
G   "H4'"  H  N N 135 
G   "H3'"  H  N N 136 
G   "HO3'" H  N N 137 
G   "H2'"  H  N N 138 
G   "HO2'" H  N N 139 
G   "H1'"  H  N N 140 
G   H8     H  N N 141 
G   H1     H  N N 142 
G   H21    H  N N 143 
G   H22    H  N N 144 
HOH O      O  N N 145 
HOH H1     H  N N 146 
HOH H2     H  N N 147 
U   OP3    O  N N 148 
U   P      P  N N 149 
U   OP1    O  N N 150 
U   OP2    O  N N 151 
U   "O5'"  O  N N 152 
U   "C5'"  C  N N 153 
U   "C4'"  C  N R 154 
U   "O4'"  O  N N 155 
U   "C3'"  C  N S 156 
U   "O3'"  O  N N 157 
U   "C2'"  C  N R 158 
U   "O2'"  O  N N 159 
U   "C1'"  C  N R 160 
U   N1     N  N N 161 
U   C2     C  N N 162 
U   O2     O  N N 163 
U   N3     N  N N 164 
U   C4     C  N N 165 
U   O4     O  N N 166 
U   C5     C  N N 167 
U   C6     C  N N 168 
U   HOP3   H  N N 169 
U   HOP2   H  N N 170 
U   "H5'"  H  N N 171 
U   "H5''" H  N N 172 
U   "H4'"  H  N N 173 
U   "H3'"  H  N N 174 
U   "HO3'" H  N N 175 
U   "H2'"  H  N N 176 
U   "HO2'" H  N N 177 
U   "H1'"  H  N N 178 
U   H3     H  N N 179 
U   H5     H  N N 180 
U   H6     H  N N 181 
# 
loop_
_chem_comp_bond.comp_id 
_chem_comp_bond.atom_id_1 
_chem_comp_bond.atom_id_2 
_chem_comp_bond.value_order 
_chem_comp_bond.pdbx_aromatic_flag 
_chem_comp_bond.pdbx_stereo_config 
_chem_comp_bond.pdbx_ordinal 
5BU P     OP1    doub N N 1   
5BU P     OP2    sing N N 2   
5BU P     OP3    sing N N 3   
5BU P     "O5'"  sing N N 4   
5BU OP2   HOP2   sing N N 5   
5BU OP3   HOP3   sing N N 6   
5BU "O5'" "C5'"  sing N N 7   
5BU "C5'" "C4'"  sing N N 8   
5BU "C5'" "H5'"  sing N N 9   
5BU "C5'" "H5''" sing N N 10  
5BU "C4'" "O4'"  sing N N 11  
5BU "C4'" "C3'"  sing N N 12  
5BU "C4'" "H4'"  sing N N 13  
5BU "O4'" "C1'"  sing N N 14  
5BU "C3'" "O3'"  sing N N 15  
5BU "C3'" "C2'"  sing N N 16  
5BU "C3'" "H3'"  sing N N 17  
5BU "O3'" "HO3'" sing N N 18  
5BU "C2'" "O2'"  sing N N 19  
5BU "C2'" "C1'"  sing N N 20  
5BU "C2'" "H2'"  sing N N 21  
5BU "O2'" "HO2'" sing N N 22  
5BU "C1'" N1     sing N N 23  
5BU "C1'" "H1'"  sing N N 24  
5BU N1    C2     sing N N 25  
5BU N1    C6     sing N N 26  
5BU C2    O2     doub N N 27  
5BU C2    N3     sing N N 28  
5BU N3    C4     sing N N 29  
5BU N3    H3     sing N N 30  
5BU C4    O4     doub N N 31  
5BU C4    C5     sing N N 32  
5BU C5    C6     doub N N 33  
5BU C5    BR     sing N N 34  
5BU C6    H6     sing N N 35  
A   OP3   P      sing N N 36  
A   OP3   HOP3   sing N N 37  
A   P     OP1    doub N N 38  
A   P     OP2    sing N N 39  
A   P     "O5'"  sing N N 40  
A   OP2   HOP2   sing N N 41  
A   "O5'" "C5'"  sing N N 42  
A   "C5'" "C4'"  sing N N 43  
A   "C5'" "H5'"  sing N N 44  
A   "C5'" "H5''" sing N N 45  
A   "C4'" "O4'"  sing N N 46  
A   "C4'" "C3'"  sing N N 47  
A   "C4'" "H4'"  sing N N 48  
A   "O4'" "C1'"  sing N N 49  
A   "C3'" "O3'"  sing N N 50  
A   "C3'" "C2'"  sing N N 51  
A   "C3'" "H3'"  sing N N 52  
A   "O3'" "HO3'" sing N N 53  
A   "C2'" "O2'"  sing N N 54  
A   "C2'" "C1'"  sing N N 55  
A   "C2'" "H2'"  sing N N 56  
A   "O2'" "HO2'" sing N N 57  
A   "C1'" N9     sing N N 58  
A   "C1'" "H1'"  sing N N 59  
A   N9    C8     sing Y N 60  
A   N9    C4     sing Y N 61  
A   C8    N7     doub Y N 62  
A   C8    H8     sing N N 63  
A   N7    C5     sing Y N 64  
A   C5    C6     sing Y N 65  
A   C5    C4     doub Y N 66  
A   C6    N6     sing N N 67  
A   C6    N1     doub Y N 68  
A   N6    H61    sing N N 69  
A   N6    H62    sing N N 70  
A   N1    C2     sing Y N 71  
A   C2    N3     doub Y N 72  
A   C2    H2     sing N N 73  
A   N3    C4     sing Y N 74  
C   OP3   P      sing N N 75  
C   OP3   HOP3   sing N N 76  
C   P     OP1    doub N N 77  
C   P     OP2    sing N N 78  
C   P     "O5'"  sing N N 79  
C   OP2   HOP2   sing N N 80  
C   "O5'" "C5'"  sing N N 81  
C   "C5'" "C4'"  sing N N 82  
C   "C5'" "H5'"  sing N N 83  
C   "C5'" "H5''" sing N N 84  
C   "C4'" "O4'"  sing N N 85  
C   "C4'" "C3'"  sing N N 86  
C   "C4'" "H4'"  sing N N 87  
C   "O4'" "C1'"  sing N N 88  
C   "C3'" "O3'"  sing N N 89  
C   "C3'" "C2'"  sing N N 90  
C   "C3'" "H3'"  sing N N 91  
C   "O3'" "HO3'" sing N N 92  
C   "C2'" "O2'"  sing N N 93  
C   "C2'" "C1'"  sing N N 94  
C   "C2'" "H2'"  sing N N 95  
C   "O2'" "HO2'" sing N N 96  
C   "C1'" N1     sing N N 97  
C   "C1'" "H1'"  sing N N 98  
C   N1    C2     sing N N 99  
C   N1    C6     sing N N 100 
C   C2    O2     doub N N 101 
C   C2    N3     sing N N 102 
C   N3    C4     doub N N 103 
C   C4    N4     sing N N 104 
C   C4    C5     sing N N 105 
C   N4    H41    sing N N 106 
C   N4    H42    sing N N 107 
C   C5    C6     doub N N 108 
C   C5    H5     sing N N 109 
C   C6    H6     sing N N 110 
G   OP3   P      sing N N 111 
G   OP3   HOP3   sing N N 112 
G   P     OP1    doub N N 113 
G   P     OP2    sing N N 114 
G   P     "O5'"  sing N N 115 
G   OP2   HOP2   sing N N 116 
G   "O5'" "C5'"  sing N N 117 
G   "C5'" "C4'"  sing N N 118 
G   "C5'" "H5'"  sing N N 119 
G   "C5'" "H5''" sing N N 120 
G   "C4'" "O4'"  sing N N 121 
G   "C4'" "C3'"  sing N N 122 
G   "C4'" "H4'"  sing N N 123 
G   "O4'" "C1'"  sing N N 124 
G   "C3'" "O3'"  sing N N 125 
G   "C3'" "C2'"  sing N N 126 
G   "C3'" "H3'"  sing N N 127 
G   "O3'" "HO3'" sing N N 128 
G   "C2'" "O2'"  sing N N 129 
G   "C2'" "C1'"  sing N N 130 
G   "C2'" "H2'"  sing N N 131 
G   "O2'" "HO2'" sing N N 132 
G   "C1'" N9     sing N N 133 
G   "C1'" "H1'"  sing N N 134 
G   N9    C8     sing Y N 135 
G   N9    C4     sing Y N 136 
G   C8    N7     doub Y N 137 
G   C8    H8     sing N N 138 
G   N7    C5     sing Y N 139 
G   C5    C6     sing N N 140 
G   C5    C4     doub Y N 141 
G   C6    O6     doub N N 142 
G   C6    N1     sing N N 143 
G   N1    C2     sing N N 144 
G   N1    H1     sing N N 145 
G   C2    N2     sing N N 146 
G   C2    N3     doub N N 147 
G   N2    H21    sing N N 148 
G   N2    H22    sing N N 149 
G   N3    C4     sing N N 150 
HOH O     H1     sing N N 151 
HOH O     H2     sing N N 152 
U   OP3   P      sing N N 153 
U   OP3   HOP3   sing N N 154 
U   P     OP1    doub N N 155 
U   P     OP2    sing N N 156 
U   P     "O5'"  sing N N 157 
U   OP2   HOP2   sing N N 158 
U   "O5'" "C5'"  sing N N 159 
U   "C5'" "C4'"  sing N N 160 
U   "C5'" "H5'"  sing N N 161 
U   "C5'" "H5''" sing N N 162 
U   "C4'" "O4'"  sing N N 163 
U   "C4'" "C3'"  sing N N 164 
U   "C4'" "H4'"  sing N N 165 
U   "O4'" "C1'"  sing N N 166 
U   "C3'" "O3'"  sing N N 167 
U   "C3'" "C2'"  sing N N 168 
U   "C3'" "H3'"  sing N N 169 
U   "O3'" "HO3'" sing N N 170 
U   "C2'" "O2'"  sing N N 171 
U   "C2'" "C1'"  sing N N 172 
U   "C2'" "H2'"  sing N N 173 
U   "O2'" "HO2'" sing N N 174 
U   "C1'" N1     sing N N 175 
U   "C1'" "H1'"  sing N N 176 
U   N1    C2     sing N N 177 
U   N1    C6     sing N N 178 
U   C2    O2     doub N N 179 
U   C2    N3     sing N N 180 
U   N3    C4     sing N N 181 
U   N3    H3     sing N N 182 
U   C4    O4     doub N N 183 
U   C4    C5     sing N N 184 
U   C5    C6     doub N N 185 
U   C5    H5     sing N N 186 
U   C6    H6     sing N N 187 
# 
loop_
_ndb_struct_conf_na.entry_id 
_ndb_struct_conf_na.feature 
1KFO 'double helix'         
1KFO 'a-form double helix'  
1KFO 'mismatched base pair' 
# 
loop_
_ndb_struct_na_base_pair.model_number 
_ndb_struct_na_base_pair.i_label_asym_id 
_ndb_struct_na_base_pair.i_label_comp_id 
_ndb_struct_na_base_pair.i_label_seq_id 
_ndb_struct_na_base_pair.i_symmetry 
_ndb_struct_na_base_pair.j_label_asym_id 
_ndb_struct_na_base_pair.j_label_comp_id 
_ndb_struct_na_base_pair.j_label_seq_id 
_ndb_struct_na_base_pair.j_symmetry 
_ndb_struct_na_base_pair.shear 
_ndb_struct_na_base_pair.stretch 
_ndb_struct_na_base_pair.stagger 
_ndb_struct_na_base_pair.buckle 
_ndb_struct_na_base_pair.propeller 
_ndb_struct_na_base_pair.opening 
_ndb_struct_na_base_pair.pair_number 
_ndb_struct_na_base_pair.pair_name 
_ndb_struct_na_base_pair.i_auth_asym_id 
_ndb_struct_na_base_pair.i_auth_seq_id 
_ndb_struct_na_base_pair.i_PDB_ins_code 
_ndb_struct_na_base_pair.j_auth_asym_id 
_ndb_struct_na_base_pair.j_auth_seq_id 
_ndb_struct_na_base_pair.j_PDB_ins_code 
_ndb_struct_na_base_pair.hbond_type_28 
_ndb_struct_na_base_pair.hbond_type_12 
1 A G   1  1_555 A C   18 7_555 -0.475 -0.350 -0.181 -8.259 -10.553 -0.741 1  A_G1:C18_A   A 1  ? A 18 ? 19 1 
1 A A   2  1_555 A C   17 7_555 -2.067 -0.541 0.326  6.121  -15.481 11.318 2  A_A2:C17_A   A 2  ? A 17 ? ?  1 
1 A A   3  1_555 A 5BU 16 7_555 -0.007 -0.197 -0.021 1.367  -17.615 1.511  3  A_A3:5BU16_A A 3  ? A 16 ? 20 1 
1 A U   4  1_555 A A   15 7_555 -0.048 -0.099 0.109  2.640  -14.016 6.252  4  A_U4:A15_A   A 4  ? A 15 ? 20 1 
1 A G   5  1_555 A C   14 7_555 -0.170 -0.194 -0.003 -0.543 -10.029 2.008  5  A_G5:C14_A   A 5  ? A 14 ? 19 1 
1 A C   6  1_555 A G   13 7_555 0.227  -0.215 -0.079 1.484  -12.541 -0.181 6  A_C6:G13_A   A 6  ? A 13 ? 19 1 
1 A C   7  1_555 A A   12 7_555 2.480  -0.508 0.194  -0.534 -8.005  7.567  7  A_C7:A12_A   A 7  ? A 12 ? ?  1 
1 A U   8  1_555 A G   11 7_555 2.339  -0.643 0.011  4.816  -13.947 -3.237 8  A_U8:G11_A   A 8  ? A 11 ? 28 ? 
1 A G   9  1_555 A C   10 7_555 -0.162 -0.165 0.047  -0.476 -6.572  -0.086 9  A_G9:C10_A   A 9  ? A 10 ? 19 1 
1 A C   10 1_555 A G   9  7_555 0.162  -0.165 0.047  0.476  -6.572  -0.086 10 A_C10:G9_A   A 10 ? A 9  ? 19 1 
1 A G   11 1_555 A U   8  7_555 -2.339 -0.643 0.011  -4.816 -13.947 -3.237 11 A_G11:U8_A   A 11 ? A 8  ? 28 ? 
1 A A   12 1_555 A C   7  7_555 -2.480 -0.508 0.194  0.534  -8.005  7.567  12 A_A12:C7_A   A 12 ? A 7  ? ?  1 
1 A G   13 1_555 A C   6  7_555 -0.227 -0.215 -0.079 -1.484 -12.541 -0.181 13 A_G13:C6_A   A 13 ? A 6  ? 19 1 
1 A C   14 1_555 A G   5  7_555 0.170  -0.194 -0.003 0.543  -10.029 2.008  14 A_C14:G5_A   A 14 ? A 5  ? 19 1 
1 A A   15 1_555 A U   4  7_555 0.048  -0.099 0.109  -2.640 -14.016 6.252  15 A_A15:U4_A   A 15 ? A 4  ? 20 1 
1 A 5BU 16 1_555 A A   3  7_555 0.007  -0.197 -0.021 -1.367 -17.615 1.511  16 A_5BU16:A3_A A 16 ? A 3  ? 20 1 
1 A C   17 1_555 A A   2  7_555 2.067  -0.541 0.326  -6.121 -15.481 11.318 17 A_C17:A2_A   A 17 ? A 2  ? ?  1 
1 A C   18 1_555 A G   1  7_555 0.475  -0.350 -0.181 8.259  -10.553 -0.741 18 A_C18:G1_A   A 18 ? A 1  ? 19 1 
# 
loop_
_ndb_struct_na_base_pair_step.model_number 
_ndb_struct_na_base_pair_step.i_label_asym_id_1 
_ndb_struct_na_base_pair_step.i_label_comp_id_1 
_ndb_struct_na_base_pair_step.i_label_seq_id_1 
_ndb_struct_na_base_pair_step.i_symmetry_1 
_ndb_struct_na_base_pair_step.j_label_asym_id_1 
_ndb_struct_na_base_pair_step.j_label_comp_id_1 
_ndb_struct_na_base_pair_step.j_label_seq_id_1 
_ndb_struct_na_base_pair_step.j_symmetry_1 
_ndb_struct_na_base_pair_step.i_label_asym_id_2 
_ndb_struct_na_base_pair_step.i_label_comp_id_2 
_ndb_struct_na_base_pair_step.i_label_seq_id_2 
_ndb_struct_na_base_pair_step.i_symmetry_2 
_ndb_struct_na_base_pair_step.j_label_asym_id_2 
_ndb_struct_na_base_pair_step.j_label_comp_id_2 
_ndb_struct_na_base_pair_step.j_label_seq_id_2 
_ndb_struct_na_base_pair_step.j_symmetry_2 
_ndb_struct_na_base_pair_step.shift 
_ndb_struct_na_base_pair_step.slide 
_ndb_struct_na_base_pair_step.rise 
_ndb_struct_na_base_pair_step.tilt 
_ndb_struct_na_base_pair_step.roll 
_ndb_struct_na_base_pair_step.twist 
_ndb_struct_na_base_pair_step.x_displacement 
_ndb_struct_na_base_pair_step.y_displacement 
_ndb_struct_na_base_pair_step.helical_rise 
_ndb_struct_na_base_pair_step.inclination 
_ndb_struct_na_base_pair_step.tip 
_ndb_struct_na_base_pair_step.helical_twist 
_ndb_struct_na_base_pair_step.step_number 
_ndb_struct_na_base_pair_step.step_name 
_ndb_struct_na_base_pair_step.i_auth_asym_id_1 
_ndb_struct_na_base_pair_step.i_auth_seq_id_1 
_ndb_struct_na_base_pair_step.i_PDB_ins_code_1 
_ndb_struct_na_base_pair_step.j_auth_asym_id_1 
_ndb_struct_na_base_pair_step.j_auth_seq_id_1 
_ndb_struct_na_base_pair_step.j_PDB_ins_code_1 
_ndb_struct_na_base_pair_step.i_auth_asym_id_2 
_ndb_struct_na_base_pair_step.i_auth_seq_id_2 
_ndb_struct_na_base_pair_step.i_PDB_ins_code_2 
_ndb_struct_na_base_pair_step.j_auth_asym_id_2 
_ndb_struct_na_base_pair_step.j_auth_seq_id_2 
_ndb_struct_na_base_pair_step.j_PDB_ins_code_2 
1 A G   1  1_555 A C   18 7_555 A A   2  1_555 A C   17 7_555 0.223  -1.770 2.702 -6.421 9.611  28.556 -4.720  -1.344 1.925 18.553 
12.394  30.761 1  AA_G1A2:C17C18_AA   A 1  ? A 18 ? A 2  ? A 17 ? 
1 A A   2  1_555 A C   17 7_555 A A   3  1_555 A 5BU 16 7_555 -0.358 -0.655 3.455 0.623  6.643  38.119 -1.837  0.619  3.293 10.076 
-0.945  38.677 2  AA_A2A3:5BU16C17_AA A 2  ? A 17 ? A 3  ? A 16 ? 
1 A A   3  1_555 A 5BU 16 7_555 A U   4  1_555 A A   15 7_555 0.463  -1.290 3.238 0.272  6.189  32.172 -3.305  -0.777 2.949 11.039 
-0.485  32.748 3  AA_A3U4:A155BU16_AA A 3  ? A 16 ? A 4  ? A 15 ? 
1 A U   4  1_555 A A   15 7_555 A G   5  1_555 A C   14 7_555 -0.371 -1.511 3.221 -0.612 10.245 31.133 -4.297  0.561  2.612 18.470 
1.104   32.741 4  AA_U4G5:C14A15_AA   A 4  ? A 15 ? A 5  ? A 14 ? 
1 A G   5  1_555 A C   14 7_555 A C   6  1_555 A G   13 7_555 -0.310 -1.534 3.246 -0.757 6.530  32.761 -3.695  0.420  2.901 11.434 
1.325   33.397 5  AA_G5C6:G13C14_AA   A 5  ? A 14 ? A 6  ? A 13 ? 
1 A C   6  1_555 A G   13 7_555 A C   7  1_555 A A   12 7_555 0.180  -1.295 3.396 -1.091 7.709  38.857 -2.815  -0.393 3.088 11.448 
1.620   39.600 6  AA_C6C7:A12G13_AA   A 6  ? A 13 ? A 7  ? A 12 ? 
1 A C   7  1_555 A A   12 7_555 A U   8  1_555 A G   11 7_555 -0.284 -1.765 2.985 7.233  7.941  32.838 -4.014  1.424  2.392 13.601 
-12.388 34.504 7  AA_C7U8:G11A12_AA   A 7  ? A 12 ? A 8  ? A 11 ? 
1 A U   8  1_555 A G   11 7_555 A G   9  1_555 A C   10 7_555 0.138  -2.611 3.243 0.706  9.674  16.824 -11.499 -0.136 1.528 30.033 
-2.191  19.403 8  AA_U8G9:C10G11_AA   A 8  ? A 11 ? A 9  ? A 10 ? 
1 A G   9  1_555 A C   10 7_555 A C   10 1_555 A G   9  7_555 0.000  -2.302 3.267 0.000  2.246  32.517 -4.482  0.000  3.105 4.006  
0.000   32.592 9  AA_G9C10:G9C10_AA   A 9  ? A 10 ? A 10 ? A 9  ? 
1 A C   10 1_555 A G   9  7_555 A G   11 1_555 A U   8  7_555 -0.138 -2.611 3.243 -0.706 9.674  16.824 -11.499 0.136  1.528 30.034 
2.191   19.403 10 AA_C10G11:U8G9_AA   A 10 ? A 9  ? A 11 ? A 8  ? 
1 A G   11 1_555 A U   8  7_555 A A   12 1_555 A C   7  7_555 0.284  -1.765 2.985 -7.233 7.941  32.838 -4.014  -1.424 2.392 13.601 
12.388  34.504 11 AA_G11A12:C7U8_AA   A 11 ? A 8  ? A 12 ? A 7  ? 
1 A A   12 1_555 A C   7  7_555 A G   13 1_555 A C   6  7_555 -0.180 -1.295 3.396 1.091  7.709  38.857 -2.815  0.393  3.088 11.448 
-1.620  39.600 12 AA_A12G13:C6C7_AA   A 12 ? A 7  ? A 13 ? A 6  ? 
1 A G   13 1_555 A C   6  7_555 A C   14 1_555 A G   5  7_555 0.310  -1.534 3.246 0.757  6.530  32.761 -3.695  -0.420 2.901 11.434 
-1.325  33.397 13 AA_G13C14:G5C6_AA   A 13 ? A 6  ? A 14 ? A 5  ? 
1 A C   14 1_555 A G   5  7_555 A A   15 1_555 A U   4  7_555 0.371  -1.511 3.221 0.612  10.245 31.133 -4.297  -0.561 2.612 18.470 
-1.104  32.741 14 AA_C14A15:U4G5_AA   A 14 ? A 5  ? A 15 ? A 4  ? 
1 A A   15 1_555 A U   4  7_555 A 5BU 16 1_555 A A   3  7_555 -0.463 -1.290 3.238 -0.272 6.189  32.172 -3.305  0.777  2.949 11.039 
0.485   32.748 15 AA_A155BU16:A3U4_AA A 15 ? A 4  ? A 16 ? A 3  ? 
1 A 5BU 16 1_555 A A   3  7_555 A C   17 1_555 A A   2  7_555 0.358  -0.655 3.455 -0.623 6.643  38.119 -1.837  -0.619 3.293 10.076 
0.945   38.677 16 AA_5BU16C17:A2A3_AA A 16 ? A 3  ? A 17 ? A 2  ? 
1 A C   17 1_555 A A   2  7_555 A C   18 1_555 A G   1  7_555 -0.223 -1.770 2.702 6.421  9.611  28.556 -4.720  1.344  1.925 18.553 
-12.394 30.761 17 AA_C17C18:G1A2_AA   A 17 ? A 2  ? A 18 ? A 1  ? 
# 
_atom_sites.entry_id                    1KFO 
_atom_sites.fract_transf_matrix[1][1]   -0.00142799 
_atom_sites.fract_transf_matrix[1][2]   -0.00011976 
_atom_sites.fract_transf_matrix[1][3]   -0.02542994 
_atom_sites.fract_transf_matrix[2][1]   -0.01892484 
_atom_sites.fract_transf_matrix[2][2]   -0.01245908 
_atom_sites.fract_transf_matrix[2][3]   -0.01163368 
_atom_sites.fract_transf_matrix[3][1]   -0.00590212 
_atom_sites.fract_transf_matrix[3][2]   0.00869384 
_atom_sites.fract_transf_matrix[3][3]   0.00029048 
_atom_sites.fract_transf_vector[1]      0.405385 
_atom_sites.fract_transf_vector[2]      -0.011991 
_atom_sites.fract_transf_vector[3]      -0.036630 
# 
loop_
_atom_type.symbol 
BR 
C  
N  
O  
P  
# 
loop_
_atom_site.group_PDB 
_atom_site.id 
_atom_site.type_symbol 
_atom_site.label_atom_id 
_atom_site.label_alt_id 
_atom_site.label_comp_id 
_atom_site.label_asym_id 
_atom_site.label_entity_id 
_atom_site.label_seq_id 
_atom_site.pdbx_PDB_ins_code 
_atom_site.Cartn_x 
_atom_site.Cartn_y 
_atom_site.Cartn_z 
_atom_site.occupancy 
_atom_site.B_iso_or_equiv 
_atom_site.pdbx_formal_charge 
_atom_site.auth_seq_id 
_atom_site.auth_comp_id 
_atom_site.auth_asym_id 
_atom_site.auth_atom_id 
_atom_site.pdbx_PDB_model_num 
ATOM   1   O  "O5'" . G   A 1 1  ? -6.882  23.248  -7.363  1.00 41.86 ? 1  G   A "O5'" 1 
ATOM   2   C  "C5'" . G   A 1 1  ? -7.021  22.597  -6.097  1.00 39.89 ? 1  G   A "C5'" 1 
ATOM   3   C  "C4'" . G   A 1 1  ? -6.602  23.460  -4.931  1.00 39.43 ? 1  G   A "C4'" 1 
ATOM   4   O  "O4'" . G   A 1 1  ? -7.607  24.482  -4.702  1.00 37.71 ? 1  G   A "O4'" 1 
ATOM   5   C  "C3'" . G   A 1 1  ? -6.472  22.747  -3.597  1.00 39.78 ? 1  G   A "C3'" 1 
ATOM   6   O  "O3'" . G   A 1 1  ? -5.211  22.097  -3.463  1.00 41.90 ? 1  G   A "O3'" 1 
ATOM   7   C  "C2'" . G   A 1 1  ? -6.671  23.888  -2.607  1.00 39.18 ? 1  G   A "C2'" 1 
ATOM   8   O  "O2'" . G   A 1 1  ? -5.525  24.691  -2.418  1.00 39.79 ? 1  G   A "O2'" 1 
ATOM   9   C  "C1'" . G   A 1 1  ? -7.764  24.694  -3.310  1.00 36.74 ? 1  G   A "C1'" 1 
ATOM   10  N  N9    . G   A 1 1  ? -9.070  24.165  -2.943  1.00 32.05 ? 1  G   A N9    1 
ATOM   11  C  C8    . G   A 1 1  ? -9.961  23.522  -3.767  1.00 32.20 ? 1  G   A C8    1 
ATOM   12  N  N7    . G   A 1 1  ? -11.037 23.123  -3.146  1.00 31.22 ? 1  G   A N7    1 
ATOM   13  C  C5    . G   A 1 1  ? -10.848 23.540  -1.834  1.00 30.72 ? 1  G   A C5    1 
ATOM   14  C  C6    . G   A 1 1  ? -11.679 23.398  -0.697  1.00 30.24 ? 1  G   A C6    1 
ATOM   15  O  O6    . G   A 1 1  ? -12.790 22.862  -0.618  1.00 31.21 ? 1  G   A O6    1 
ATOM   16  N  N1    . G   A 1 1  ? -11.099 23.964  0.435   1.00 31.96 ? 1  G   A N1    1 
ATOM   17  C  C2    . G   A 1 1  ? -9.875  24.586  0.470   1.00 29.89 ? 1  G   A C2    1 
ATOM   18  N  N2    . G   A 1 1  ? -9.491  25.066  1.659   1.00 32.26 ? 1  G   A N2    1 
ATOM   19  N  N3    . G   A 1 1  ? -9.090  24.726  -0.582  1.00 31.09 ? 1  G   A N3    1 
ATOM   20  C  C4    . G   A 1 1  ? -9.638  24.185  -1.695  1.00 30.68 ? 1  G   A C4    1 
ATOM   21  P  P     . A   A 1 2  ? -5.079  20.807  -2.508  1.00 40.97 ? 2  A   A P     1 
ATOM   22  O  OP1   . A   A 1 2  ? -3.687  20.294  -2.590  1.00 44.44 ? 2  A   A OP1   1 
ATOM   23  O  OP2   . A   A 1 2  ? -6.210  19.898  -2.803  1.00 42.77 ? 2  A   A OP2   1 
ATOM   24  O  "O5'" . A   A 1 2  ? -5.281  21.407  -1.051  1.00 40.85 ? 2  A   A "O5'" 1 
ATOM   25  C  "C5'" . A   A 1 2  ? -4.307  22.268  -0.485  1.00 37.73 ? 2  A   A "C5'" 1 
ATOM   26  C  "C4'" . A   A 1 2  ? -4.502  22.349  1.001   1.00 39.12 ? 2  A   A "C4'" 1 
ATOM   27  O  "O4'" . A   A 1 2  ? -5.729  23.071  1.282   1.00 38.40 ? 2  A   A "O4'" 1 
ATOM   28  C  "C3'" . A   A 1 2  ? -4.682  21.001  1.680   1.00 39.65 ? 2  A   A "C3'" 1 
ATOM   29  O  "O3'" . A   A 1 2  ? -3.411  20.404  1.950   1.00 41.65 ? 2  A   A "O3'" 1 
ATOM   30  C  "C2'" . A   A 1 2  ? -5.455  21.399  2.932   1.00 39.59 ? 2  A   A "C2'" 1 
ATOM   31  O  "O2'" . A   A 1 2  ? -4.635  22.005  3.913   1.00 43.07 ? 2  A   A "O2'" 1 
ATOM   32  C  "C1'" . A   A 1 2  ? -6.405  22.459  2.367   1.00 37.95 ? 2  A   A "C1'" 1 
ATOM   33  N  N9    . A   A 1 2  ? -7.659  21.902  1.858   1.00 34.73 ? 2  A   A N9    1 
ATOM   34  C  C8    . A   A 1 2  ? -7.943  21.529  0.570   1.00 33.06 ? 2  A   A C8    1 
ATOM   35  N  N7    . A   A 1 2  ? -9.161  21.078  0.406   1.00 32.50 ? 2  A   A N7    1 
ATOM   36  C  C5    . A   A 1 2  ? -9.719  21.159  1.673   1.00 34.56 ? 2  A   A C5    1 
ATOM   37  C  C6    . A   A 1 2  ? -10.992 20.837  2.168   1.00 34.23 ? 2  A   A C6    1 
ATOM   38  N  N6    . A   A 1 2  ? -11.985 20.359  1.411   1.00 36.26 ? 2  A   A N6    1 
ATOM   39  N  N1    . A   A 1 2  ? -11.218 21.029  3.484   1.00 35.85 ? 2  A   A N1    1 
ATOM   40  C  C2    . A   A 1 2  ? -10.228 21.518  4.241   1.00 34.04 ? 2  A   A C2    1 
ATOM   41  N  N3    . A   A 1 2  ? -8.994  21.865  3.892   1.00 34.59 ? 2  A   A N3    1 
ATOM   42  C  C4    . A   A 1 2  ? -8.800  21.657  2.579   1.00 34.12 ? 2  A   A C4    1 
ATOM   43  P  P     . A   A 1 3  ? -3.230  18.799  1.865   1.00 42.12 ? 3  A   A P     1 
ATOM   44  O  OP1   . A   A 1 3  ? -1.797  18.508  2.129   1.00 42.60 ? 3  A   A OP1   1 
ATOM   45  O  OP2   . A   A 1 3  ? -3.860  18.270  0.628   1.00 41.58 ? 3  A   A OP2   1 
ATOM   46  O  "O5'" . A   A 1 3  ? -4.029  18.281  3.136   1.00 39.00 ? 3  A   A "O5'" 1 
ATOM   47  C  "C5'" . A   A 1 3  ? -3.609  18.690  4.426   1.00 36.09 ? 3  A   A "C5'" 1 
ATOM   48  C  "C4'" . A   A 1 3  ? -4.707  18.496  5.424   1.00 35.00 ? 3  A   A "C4'" 1 
ATOM   49  O  "O4'" . A   A 1 3  ? -5.847  19.309  5.032   1.00 34.01 ? 3  A   A "O4'" 1 
ATOM   50  C  "C3'" . A   A 1 3  ? -5.264  17.088  5.487   1.00 33.82 ? 3  A   A "C3'" 1 
ATOM   51  O  "O3'" . A   A 1 3  ? -4.428  16.243  6.272   1.00 34.86 ? 3  A   A "O3'" 1 
ATOM   52  C  "C2'" . A   A 1 3  ? -6.644  17.337  6.076   1.00 33.68 ? 3  A   A "C2'" 1 
ATOM   53  O  "O2'" . A   A 1 3  ? -6.592  17.600  7.463   1.00 35.49 ? 3  A   A "O2'" 1 
ATOM   54  C  "C1'" . A   A 1 3  ? -7.042  18.628  5.356   1.00 32.03 ? 3  A   A "C1'" 1 
ATOM   55  N  N9    . A   A 1 3  ? -7.774  18.349  4.122   1.00 29.81 ? 3  A   A N9    1 
ATOM   56  C  C8    . A   A 1 3  ? -7.338  18.312  2.816   1.00 28.66 ? 3  A   A C8    1 
ATOM   57  N  N7    . A   A 1 3  ? -8.283  18.002  1.953   1.00 28.64 ? 3  A   A N7    1 
ATOM   58  C  C5    . A   A 1 3  ? -9.413  17.831  2.747   1.00 27.32 ? 3  A   A C5    1 
ATOM   59  C  C6    . A   A 1 3  ? -10.751 17.495  2.451   1.00 26.71 ? 3  A   A C6    1 
ATOM   60  N  N6    . A   A 1 3  ? -11.214 17.259  1.221   1.00 26.73 ? 3  A   A N6    1 
ATOM   61  N  N1    . A   A 1 3  ? -11.617 17.409  3.486   1.00 26.67 ? 3  A   A N1    1 
ATOM   62  C  C2    . A   A 1 3  ? -11.165 17.646  4.727   1.00 26.21 ? 3  A   A C2    1 
ATOM   63  N  N3    . A   A 1 3  ? -9.943  17.967  5.128   1.00 27.56 ? 3  A   A N3    1 
ATOM   64  C  C4    . A   A 1 3  ? -9.106  18.045  4.082   1.00 26.63 ? 3  A   A C4    1 
ATOM   65  P  P     . U   A 1 4  ? -4.209  14.710  5.834   1.00 37.12 ? 4  U   A P     1 
ATOM   66  O  OP1   . U   A 1 4  ? -3.111  14.144  6.667   1.00 36.75 ? 4  U   A OP1   1 
ATOM   67  O  OP2   . U   A 1 4  ? -4.091  14.668  4.357   1.00 35.10 ? 4  U   A OP2   1 
ATOM   68  O  "O5'" . U   A 1 4  ? -5.564  14.018  6.298   1.00 33.82 ? 4  U   A "O5'" 1 
ATOM   69  C  "C5'" . U   A 1 4  ? -5.927  14.064  7.675   1.00 33.66 ? 4  U   A "C5'" 1 
ATOM   70  C  "C4'" . U   A 1 4  ? -7.373  13.681  7.880   1.00 31.05 ? 4  U   A "C4'" 1 
ATOM   71  O  "O4'" . U   A 1 4  ? -8.234  14.664  7.247   1.00 31.61 ? 4  U   A "O4'" 1 
ATOM   72  C  "C3'" . U   A 1 4  ? -7.816  12.362  7.276   1.00 32.73 ? 4  U   A "C3'" 1 
ATOM   73  O  "O3'" . U   A 1 4  ? -7.461  11.265  8.098   1.00 33.30 ? 4  U   A "O3'" 1 
ATOM   74  C  "C2'" . U   A 1 4  ? -9.318  12.560  7.168   1.00 29.81 ? 4  U   A "C2'" 1 
ATOM   75  O  "O2'" . U   A 1 4  ? -9.957  12.429  8.424   1.00 31.21 ? 4  U   A "O2'" 1 
ATOM   76  C  "C1'" . U   A 1 4  ? -9.390  14.022  6.735   1.00 29.53 ? 4  U   A "C1'" 1 
ATOM   77  N  N1    . U   A 1 4  ? -9.395  14.147  5.271   1.00 26.75 ? 4  U   A N1    1 
ATOM   78  C  C2    . U   A 1 4  ? -10.605 13.980  4.644   1.00 24.24 ? 4  U   A C2    1 
ATOM   79  O  O2    . U   A 1 4  ? -11.629 13.767  5.261   1.00 26.67 ? 4  U   A O2    1 
ATOM   80  N  N3    . U   A 1 4  ? -10.575 14.071  3.277   1.00 24.88 ? 4  U   A N3    1 
ATOM   81  C  C4    . U   A 1 4  ? -9.479  14.310  2.488   1.00 24.38 ? 4  U   A C4    1 
ATOM   82  O  O4    . U   A 1 4  ? -9.615  14.349  1.266   1.00 26.76 ? 4  U   A O4    1 
ATOM   83  C  C5    . U   A 1 4  ? -8.253  14.485  3.209   1.00 25.72 ? 4  U   A C5    1 
ATOM   84  C  C6    . U   A 1 4  ? -8.254  14.401  4.549   1.00 24.98 ? 4  U   A C6    1 
ATOM   85  P  P     . G   A 1 5  ? -7.137  9.846   7.422   1.00 35.21 ? 5  G   A P     1 
ATOM   86  O  OP1   . G   A 1 5  ? -6.459  9.023   8.465   1.00 34.97 ? 5  G   A OP1   1 
ATOM   87  O  OP2   . G   A 1 5  ? -6.469  10.074  6.118   1.00 32.92 ? 5  G   A OP2   1 
ATOM   88  O  "O5'" . G   A 1 5  ? -8.581  9.236   7.139   1.00 33.09 ? 5  G   A "O5'" 1 
ATOM   89  C  "C5'" . G   A 1 5  ? -9.504  9.082   8.206   1.00 32.78 ? 5  G   A "C5'" 1 
ATOM   90  C  "C4'" . G   A 1 5  ? -10.883 8.762   7.686   1.00 31.53 ? 5  G   A "C4'" 1 
ATOM   91  O  "O4'" . G   A 1 5  ? -11.427 9.919   6.990   1.00 30.46 ? 5  G   A "O4'" 1 
ATOM   92  C  "C3'" . G   A 1 5  ? -10.958 7.648   6.654   1.00 30.33 ? 5  G   A "C3'" 1 
ATOM   93  O  "O3'" . G   A 1 5  ? -10.928 6.360   7.253   1.00 31.50 ? 5  G   A "O3'" 1 
ATOM   94  C  "C2'" . G   A 1 5  ? -12.278 7.958   5.960   1.00 27.79 ? 5  G   A "C2'" 1 
ATOM   95  O  "O2'" . G   A 1 5  ? -13.401 7.581   6.737   1.00 28.27 ? 5  G   A "O2'" 1 
ATOM   96  C  "C1'" . G   A 1 5  ? -12.230 9.482   5.902   1.00 28.55 ? 5  G   A "C1'" 1 
ATOM   97  N  N9    . G   A 1 5  ? -11.631 9.947   4.659   1.00 24.93 ? 5  G   A N9    1 
ATOM   98  C  C8    . G   A 1 5  ? -10.354 10.404  4.470   1.00 22.40 ? 5  G   A C8    1 
ATOM   99  N  N7    . G   A 1 5  ? -10.116 10.771  3.241   1.00 23.15 ? 5  G   A N7    1 
ATOM   100 C  C5    . G   A 1 5  ? -11.314 10.539  2.576   1.00 23.57 ? 5  G   A C5    1 
ATOM   101 C  C6    . G   A 1 5  ? -11.673 10.756  1.221   1.00 22.13 ? 5  G   A C6    1 
ATOM   102 O  O6    . G   A 1 5  ? -10.988 11.230  0.304   1.00 23.39 ? 5  G   A O6    1 
ATOM   103 N  N1    . G   A 1 5  ? -12.987 10.366  0.974   1.00 21.88 ? 5  G   A N1    1 
ATOM   104 C  C2    . G   A 1 5  ? -13.846 9.844   1.907   1.00 22.62 ? 5  G   A C2    1 
ATOM   105 N  N2    . G   A 1 5  ? -15.073 9.515   1.466   1.00 23.67 ? 5  G   A N2    1 
ATOM   106 N  N3    . G   A 1 5  ? -13.529 9.652   3.178   1.00 24.35 ? 5  G   A N3    1 
ATOM   107 C  C4    . G   A 1 5  ? -12.254 10.018  3.437   1.00 23.99 ? 5  G   A C4    1 
ATOM   108 P  P     . C   A 1 6  ? -10.395 5.101   6.401   1.00 30.26 ? 6  C   A P     1 
ATOM   109 O  OP1   . C   A 1 6  ? -10.320 3.925   7.313   1.00 31.37 ? 6  C   A OP1   1 
ATOM   110 O  OP2   . C   A 1 6  ? -9.185  5.501   5.638   1.00 30.80 ? 6  C   A OP2   1 
ATOM   111 O  "O5'" . C   A 1 6  ? -11.561 4.831   5.357   1.00 29.34 ? 6  C   A "O5'" 1 
ATOM   112 C  "C5'" . C   A 1 6  ? -12.850 4.448   5.794   1.00 27.00 ? 6  C   A "C5'" 1 
ATOM   113 C  "C4'" . C   A 1 6  ? -13.793 4.362   4.622   1.00 26.45 ? 6  C   A "C4'" 1 
ATOM   114 O  "O4'" . C   A 1 6  ? -13.919 5.679   4.027   1.00 26.53 ? 6  C   A "O4'" 1 
ATOM   115 C  "C3'" . C   A 1 6  ? -13.323 3.498   3.463   1.00 26.49 ? 6  C   A "C3'" 1 
ATOM   116 O  "O3'" . C   A 1 6  ? -13.563 2.121   3.686   1.00 26.60 ? 6  C   A "O3'" 1 
ATOM   117 C  "C2'" . C   A 1 6  ? -14.131 4.069   2.304   1.00 24.20 ? 6  C   A "C2'" 1 
ATOM   118 O  "O2'" . C   A 1 6  ? -15.494 3.684   2.353   1.00 27.25 ? 6  C   A "O2'" 1 
ATOM   119 C  "C1'" . C   A 1 6  ? -14.074 5.556   2.624   1.00 26.24 ? 6  C   A "C1'" 1 
ATOM   120 N  N1    . C   A 1 6  ? -12.955 6.230   1.956   1.00 23.75 ? 6  C   A N1    1 
ATOM   121 C  C2    . C   A 1 6  ? -13.119 6.591   0.619   1.00 20.47 ? 6  C   A C2    1 
ATOM   122 O  O2    . C   A 1 6  ? -14.188 6.295   0.050   1.00 22.82 ? 6  C   A O2    1 
ATOM   123 N  N3    . C   A 1 6  ? -12.128 7.238   -0.018  1.00 22.02 ? 6  C   A N3    1 
ATOM   124 C  C4    . C   A 1 6  ? -10.996 7.526   0.628   1.00 22.41 ? 6  C   A C4    1 
ATOM   125 N  N4    . C   A 1 6  ? -10.049 8.196   -0.037  1.00 23.21 ? 6  C   A N4    1 
ATOM   126 C  C5    . C   A 1 6  ? -10.786 7.147   1.988   1.00 23.51 ? 6  C   A C5    1 
ATOM   127 C  C6    . C   A 1 6  ? -11.786 6.508   2.607   1.00 22.12 ? 6  C   A C6    1 
ATOM   128 P  P     . C   A 1 7  ? -12.562 1.036   3.060   1.00 26.53 ? 7  C   A P     1 
ATOM   129 O  OP1   . C   A 1 7  ? -13.039 -0.308  3.497   1.00 29.71 ? 7  C   A OP1   1 
ATOM   130 O  OP2   . C   A 1 7  ? -11.157 1.432   3.304   1.00 28.16 ? 7  C   A OP2   1 
ATOM   131 O  "O5'" . C   A 1 7  ? -12.812 1.149   1.491   1.00 24.09 ? 7  C   A "O5'" 1 
ATOM   132 C  "C5'" . C   A 1 7  ? -14.054 0.757   0.935   1.00 23.34 ? 7  C   A "C5'" 1 
ATOM   133 C  "C4'" . C   A 1 7  ? -14.075 1.065   -0.538  1.00 22.34 ? 7  C   A "C4'" 1 
ATOM   134 O  "O4'" . C   A 1 7  ? -13.968 2.500   -0.716  1.00 19.71 ? 7  C   A "O4'" 1 
ATOM   135 C  "C3'" . C   A 1 7  ? -12.896 0.512   -1.315  1.00 21.42 ? 7  C   A "C3'" 1 
ATOM   136 O  "O3'" . C   A 1 7  ? -13.141 -0.839  -1.695  1.00 20.94 ? 7  C   A "O3'" 1 
ATOM   137 C  "C2'" . C   A 1 7  ? -12.878 1.429   -2.527  1.00 22.07 ? 7  C   A "C2'" 1 
ATOM   138 O  "O2'" . C   A 1 7  ? -13.899 1.067   -3.428  1.00 20.33 ? 7  C   A "O2'" 1 
ATOM   139 C  "C1'" . C   A 1 7  ? -13.209 2.780   -1.879  1.00 22.38 ? 7  C   A "C1'" 1 
ATOM   140 N  N1    . C   A 1 7  ? -11.999 3.509   -1.472  1.00 20.86 ? 7  C   A N1    1 
ATOM   141 C  C2    . C   A 1 7  ? -11.308 4.249   -2.430  1.00 21.87 ? 7  C   A C2    1 
ATOM   142 O  O2    . C   A 1 7  ? -11.757 4.285   -3.582  1.00 21.42 ? 7  C   A O2    1 
ATOM   143 N  N3    . C   A 1 7  ? -10.170 4.896   -2.079  1.00 20.89 ? 7  C   A N3    1 
ATOM   144 C  C4    . C   A 1 7  ? -9.724  4.816   -0.818  1.00 21.67 ? 7  C   A C4    1 
ATOM   145 N  N4    . C   A 1 7  ? -8.594  5.455   -0.505  1.00 23.13 ? 7  C   A N4    1 
ATOM   146 C  C5    . C   A 1 7  ? -10.421 4.077   0.184   1.00 22.13 ? 7  C   A C5    1 
ATOM   147 C  C6    . C   A 1 7  ? -11.545 3.447   -0.183  1.00 22.74 ? 7  C   A C6    1 
ATOM   148 P  P     . U   A 1 8  ? -11.924 -1.860  -1.842  1.00 21.11 ? 8  U   A P     1 
ATOM   149 O  OP1   . U   A 1 8  ? -12.511 -3.224  -1.859  1.00 22.87 ? 8  U   A OP1   1 
ATOM   150 O  OP2   . U   A 1 8  ? -10.880 -1.528  -0.841  1.00 22.40 ? 8  U   A OP2   1 
ATOM   151 O  "O5'" . U   A 1 8  ? -11.301 -1.519  -3.262  1.00 22.73 ? 8  U   A "O5'" 1 
ATOM   152 C  "C5'" . U   A 1 8  ? -12.114 -1.568  -4.423  1.00 19.98 ? 8  U   A "C5'" 1 
ATOM   153 C  "C4'" . U   A 1 8  ? -11.431 -0.865  -5.563  1.00 21.82 ? 8  U   A "C4'" 1 
ATOM   154 O  "O4'" . U   A 1 8  ? -11.357 0.557   -5.304  1.00 19.98 ? 8  U   A "O4'" 1 
ATOM   155 C  "C3'" . U   A 1 8  ? -9.998  -1.259  -5.837  1.00 21.99 ? 8  U   A "C3'" 1 
ATOM   156 O  "O3'" . U   A 1 8  ? -10.010 -2.479  -6.552  1.00 24.55 ? 8  U   A "O3'" 1 
ATOM   157 C  "C2'" . U   A 1 8  ? -9.519  -0.067  -6.660  1.00 20.51 ? 8  U   A "C2'" 1 
ATOM   158 O  "O2'" . U   A 1 8  ? -10.040 -0.092  -7.979  1.00 18.61 ? 8  U   A "O2'" 1 
ATOM   159 C  "C1'" . U   A 1 8  ? -10.183 1.085   -5.901  1.00 19.52 ? 8  U   A "C1'" 1 
ATOM   160 N  N1    . U   A 1 8  ? -9.344  1.652   -4.834  1.00 19.76 ? 8  U   A N1    1 
ATOM   161 C  C2    . U   A 1 8  ? -8.515  2.697   -5.178  1.00 18.55 ? 8  U   A C2    1 
ATOM   162 O  O2    . U   A 1 8  ? -8.483  3.152   -6.301  1.00 21.07 ? 8  U   A O2    1 
ATOM   163 N  N3    . U   A 1 8  ? -7.735  3.188   -4.155  1.00 21.87 ? 8  U   A N3    1 
ATOM   164 C  C4    . U   A 1 8  ? -7.713  2.743   -2.844  1.00 24.03 ? 8  U   A C4    1 
ATOM   165 O  O4    . U   A 1 8  ? -6.951  3.273   -2.034  1.00 24.66 ? 8  U   A O4    1 
ATOM   166 C  C5    . U   A 1 8  ? -8.608  1.666   -2.570  1.00 21.26 ? 8  U   A C5    1 
ATOM   167 C  C6    . U   A 1 8  ? -9.376  1.168   -3.552  1.00 20.39 ? 8  U   A C6    1 
ATOM   168 P  P     . G   A 1 9  ? -8.660  -3.299  -6.748  1.00 23.83 ? 9  G   A P     1 
ATOM   169 O  OP1   . G   A 1 9  ? -8.982  -4.529  -7.520  1.00 27.12 ? 9  G   A OP1   1 
ATOM   170 O  OP2   . G   A 1 9  ? -7.911  -3.400  -5.476  1.00 25.45 ? 9  G   A OP2   1 
ATOM   171 O  "O5'" . G   A 1 9  ? -7.884  -2.348  -7.735  1.00 28.24 ? 9  G   A "O5'" 1 
ATOM   172 C  "C5'" . G   A 1 9  ? -6.509  -2.364  -7.764  1.00 25.36 ? 9  G   A "C5'" 1 
ATOM   173 C  "C4'" . G   A 1 9  ? -6.032  -1.364  -8.753  1.00 21.24 ? 9  G   A "C4'" 1 
ATOM   174 O  "O4'" . G   A 1 9  ? -6.564  -0.062  -8.429  1.00 21.63 ? 9  G   A "O4'" 1 
ATOM   175 C  "C3'" . G   A 1 9  ? -4.540  -1.208  -8.733  1.00 21.26 ? 9  G   A "C3'" 1 
ATOM   176 O  "O3'" . G   A 1 9  ? -3.991  -2.237  -9.517  1.00 24.54 ? 9  G   A "O3'" 1 
ATOM   177 C  "C2'" . G   A 1 9  ? -4.376  0.184   -9.301  1.00 18.54 ? 9  G   A "C2'" 1 
ATOM   178 O  "O2'" . G   A 1 9  ? -4.551  0.166   -10.702 1.00 20.07 ? 9  G   A "O2'" 1 
ATOM   179 C  "C1'" . G   A 1 9  ? -5.553  0.901   -8.626  1.00 21.39 ? 9  G   A "C1'" 1 
ATOM   180 N  N9    . G   A 1 9  ? -5.169  1.349   -7.296  1.00 19.39 ? 9  G   A N9    1 
ATOM   181 C  C8    . G   A 1 9  ? -5.621  0.877   -6.086  1.00 19.43 ? 9  G   A C8    1 
ATOM   182 N  N7    . G   A 1 9  ? -5.063  1.467   -5.067  1.00 20.44 ? 9  G   A N7    1 
ATOM   183 C  C5    . G   A 1 9  ? -4.202  2.391   -5.645  1.00 20.92 ? 9  G   A C5    1 
ATOM   184 C  C6    . G   A 1 9  ? -3.328  3.328   -5.048  1.00 20.39 ? 9  G   A C6    1 
ATOM   185 O  O6    . G   A 1 9  ? -3.139  3.547   -3.849  1.00 21.33 ? 9  G   A O6    1 
ATOM   186 N  N1    . G   A 1 9  ? -2.631  4.057   -6.007  1.00 18.65 ? 9  G   A N1    1 
ATOM   187 C  C2    . G   A 1 9  ? -2.764  3.905   -7.363  1.00 18.66 ? 9  G   A C2    1 
ATOM   188 N  N2    . G   A 1 9  ? -2.003  4.695   -8.137  1.00 18.93 ? 9  G   A N2    1 
ATOM   189 N  N3    . G   A 1 9  ? -3.584  3.041   -7.927  1.00 19.63 ? 9  G   A N3    1 
ATOM   190 C  C4    . G   A 1 9  ? -4.261  2.324   -7.016  1.00 21.02 ? 9  G   A C4    1 
ATOM   191 P  P     . C   A 1 10 ? -2.609  -2.899  -9.067  1.00 26.51 ? 10 C   A P     1 
ATOM   192 O  OP1   . C   A 1 10 ? -2.352  -4.038  -9.979  1.00 28.46 ? 10 C   A OP1   1 
ATOM   193 O  OP2   . C   A 1 10 ? -2.636  -3.132  -7.598  1.00 26.94 ? 10 C   A OP2   1 
ATOM   194 O  "O5'" . C   A 1 10 ? -1.570  -1.725  -9.325  1.00 27.08 ? 10 C   A "O5'" 1 
ATOM   195 C  "C5'" . C   A 1 10 ? -1.404  -1.191  -10.630 1.00 25.48 ? 10 C   A "C5'" 1 
ATOM   196 C  "C4'" . C   A 1 10 ? -0.382  -0.076  -10.626 1.00 25.69 ? 10 C   A "C4'" 1 
ATOM   197 O  "O4'" . C   A 1 10 ? -0.929  1.056   -9.898  1.00 24.62 ? 10 C   A "O4'" 1 
ATOM   198 C  "C3'" . C   A 1 10 ? 0.919   -0.364  -9.892  1.00 27.02 ? 10 C   A "C3'" 1 
ATOM   199 O  "O3'" . C   A 1 10 ? 1.853   -1.128  -10.629 1.00 29.98 ? 10 C   A "O3'" 1 
ATOM   200 C  "C2'" . C   A 1 10 ? 1.421   1.037   -9.594  1.00 24.36 ? 10 C   A "C2'" 1 
ATOM   201 O  "O2'" . C   A 1 10 ? 1.949   1.649   -10.758 1.00 27.38 ? 10 C   A "O2'" 1 
ATOM   202 C  "C1'" . C   A 1 10 ? 0.115   1.734   -9.216  1.00 23.31 ? 10 C   A "C1'" 1 
ATOM   203 N  N1    . C   A 1 10 ? -0.121  1.670   -7.759  1.00 22.73 ? 10 C   A N1    1 
ATOM   204 C  C2    . C   A 1 10 ? 0.606   2.552   -6.951  1.00 21.84 ? 10 C   A C2    1 
ATOM   205 O  O2    . C   A 1 10 ? 1.373   3.368   -7.499  1.00 22.69 ? 10 C   A O2    1 
ATOM   206 N  N3    . C   A 1 10 ? 0.457   2.499   -5.606  1.00 22.16 ? 10 C   A N3    1 
ATOM   207 C  C4    . C   A 1 10 ? -0.383  1.609   -5.060  1.00 23.28 ? 10 C   A C4    1 
ATOM   208 N  N4    . C   A 1 10 ? -0.492  1.586   -3.728  1.00 23.54 ? 10 C   A N4    1 
ATOM   209 C  C5    . C   A 1 10 ? -1.146  0.705   -5.861  1.00 22.17 ? 10 C   A C5    1 
ATOM   210 C  C6    . C   A 1 10 ? -0.989  0.774   -7.197  1.00 21.31 ? 10 C   A C6    1 
ATOM   211 P  P     . G   A 1 11 ? 2.980   -1.962  -9.837  1.00 33.39 ? 11 G   A P     1 
ATOM   212 O  OP1   . G   A 1 11 ? 3.707   -2.729  -10.880 1.00 35.11 ? 11 G   A OP1   1 
ATOM   213 O  OP2   . G   A 1 11 ? 2.371   -2.678  -8.691  1.00 33.57 ? 11 G   A OP2   1 
ATOM   214 O  "O5'" . G   A 1 11 ? 3.951   -0.853  -9.227  1.00 32.53 ? 11 G   A "O5'" 1 
ATOM   215 C  "C5'" . G   A 1 11 ? 4.752   -0.100  -10.103 1.00 30.30 ? 11 G   A "C5'" 1 
ATOM   216 C  "C4'" . G   A 1 11 ? 5.604   0.949   -9.398  1.00 29.12 ? 11 G   A "C4'" 1 
ATOM   217 O  "O4'" . G   A 1 11 ? 4.743   1.857   -8.633  1.00 26.61 ? 11 G   A "O4'" 1 
ATOM   218 C  "C3'" . G   A 1 11 ? 6.607   0.488   -8.336  1.00 27.09 ? 11 G   A "C3'" 1 
ATOM   219 O  "O3'" . G   A 1 11 ? 7.800   -0.095  -8.862  1.00 28.18 ? 11 G   A "O3'" 1 
ATOM   220 C  "C2'" . G   A 1 11 ? 6.879   1.797   -7.613  1.00 25.06 ? 11 G   A "C2'" 1 
ATOM   221 O  "O2'" . G   A 1 11 ? 7.627   2.654   -8.453  1.00 26.12 ? 11 G   A "O2'" 1 
ATOM   222 C  "C1'" . G   A 1 11 ? 5.484   2.398   -7.543  1.00 26.65 ? 11 G   A "C1'" 1 
ATOM   223 N  N9    . G   A 1 11 ? 4.893   2.088   -6.248  1.00 22.53 ? 11 G   A N9    1 
ATOM   224 C  C8    . G   A 1 11 ? 3.884   1.218   -5.929  1.00 20.80 ? 11 G   A C8    1 
ATOM   225 N  N7    . G   A 1 11 ? 3.647   1.162   -4.641  1.00 22.39 ? 11 G   A N7    1 
ATOM   226 C  C5    . G   A 1 11 ? 4.552   2.056   -4.082  1.00 20.44 ? 11 G   A C5    1 
ATOM   227 C  C6    . G   A 1 11 ? 4.771   2.428   -2.726  1.00 21.53 ? 11 G   A C6    1 
ATOM   228 O  O6    . G   A 1 11 ? 4.190   2.034   -1.714  1.00 20.78 ? 11 G   A O6    1 
ATOM   229 N  N1    . G   A 1 11 ? 5.796   3.366   -2.611  1.00 20.59 ? 11 G   A N1    1 
ATOM   230 C  C2    . G   A 1 11 ? 6.514   3.883   -3.656  1.00 20.40 ? 11 G   A C2    1 
ATOM   231 N  N2    . G   A 1 11 ? 7.478   4.776   -3.335  1.00 20.43 ? 11 G   A N2    1 
ATOM   232 N  N3    . G   A 1 11 ? 6.311   3.549   -4.923  1.00 20.66 ? 11 G   A N3    1 
ATOM   233 C  C4    . G   A 1 11 ? 5.323   2.638   -5.058  1.00 21.02 ? 11 G   A C4    1 
ATOM   234 P  P     . A   A 1 12 ? 8.690   -1.084  -7.946  1.00 29.84 ? 12 A   A P     1 
ATOM   235 O  OP1   . A   A 1 12 ? 9.815   -1.530  -8.818  1.00 31.75 ? 12 A   A OP1   1 
ATOM   236 O  OP2   . A   A 1 12 ? 7.868   -2.107  -7.258  1.00 29.34 ? 12 A   A OP2   1 
ATOM   237 O  "O5'" . A   A 1 12 ? 9.305   -0.153  -6.810  1.00 28.18 ? 12 A   A "O5'" 1 
ATOM   238 C  "C5'" . A   A 1 12 ? 10.258  0.853   -7.144  1.00 26.04 ? 12 A   A "C5'" 1 
ATOM   239 C  "C4'" . A   A 1 12 ? 10.880  1.422   -5.896  1.00 23.11 ? 12 A   A "C4'" 1 
ATOM   240 O  "O4'" . A   A 1 12 ? 9.904   2.196   -5.156  1.00 24.29 ? 12 A   A "O4'" 1 
ATOM   241 C  "C3'" . A   A 1 12 ? 11.368  0.418   -4.868  1.00 23.93 ? 12 A   A "C3'" 1 
ATOM   242 O  "O3'" . A   A 1 12 ? 12.608  -0.160  -5.256  1.00 25.44 ? 12 A   A "O3'" 1 
ATOM   243 C  "C2'" . A   A 1 12 ? 11.483  1.305   -3.636  1.00 23.34 ? 12 A   A "C2'" 1 
ATOM   244 O  "O2'" . A   A 1 12 ? 12.590  2.193   -3.693  1.00 24.20 ? 12 A   A "O2'" 1 
ATOM   245 C  "C1'" . A   A 1 12 ? 10.206  2.134   -3.767  1.00 23.90 ? 12 A   A "C1'" 1 
ATOM   246 N  N9    . A   A 1 12 ? 9.074   1.509   -3.091  1.00 22.62 ? 12 A   A N9    1 
ATOM   247 C  C8    . A   A 1 12 ? 8.053   0.811   -3.677  1.00 20.93 ? 12 A   A C8    1 
ATOM   248 N  N7    . A   A 1 12 ? 7.166   0.358   -2.827  1.00 22.59 ? 12 A   A N7    1 
ATOM   249 C  C5    . A   A 1 12 ? 7.633   0.794   -1.597  1.00 21.21 ? 12 A   A C5    1 
ATOM   250 C  C6    . A   A 1 12 ? 7.134   0.644   -0.301  1.00 22.73 ? 12 A   A C6    1 
ATOM   251 N  N6    . A   A 1 12 ? 6.015   -0.029  -0.016  1.00 22.69 ? 12 A   A N6    1 
ATOM   252 N  N1    . A   A 1 12 ? 7.828   1.207   0.710   1.00 22.65 ? 12 A   A N1    1 
ATOM   253 C  C2    . A   A 1 12 ? 8.954   1.873   0.421   1.00 22.42 ? 12 A   A C2    1 
ATOM   254 N  N3    . A   A 1 12 ? 9.528   2.080   -0.765  1.00 25.27 ? 12 A   A N3    1 
ATOM   255 C  C4    . A   A 1 12 ? 8.807   1.505   -1.744  1.00 22.43 ? 12 A   A C4    1 
ATOM   256 P  P     . G   A 1 13 ? 12.954  -1.671  -4.832  1.00 25.96 ? 13 G   A P     1 
ATOM   257 O  OP1   . G   A 1 13 ? 14.296  -1.948  -5.410  1.00 28.98 ? 13 G   A OP1   1 
ATOM   258 O  OP2   . G   A 1 13 ? 11.833  -2.596  -5.125  1.00 25.55 ? 13 G   A OP2   1 
ATOM   259 O  "O5'" . G   A 1 13 ? 13.085  -1.587  -3.255  1.00 25.10 ? 13 G   A "O5'" 1 
ATOM   260 C  "C5'" . G   A 1 13 ? 14.099  -0.795  -2.680  1.00 24.50 ? 13 G   A "C5'" 1 
ATOM   261 C  "C4'" . G   A 1 13 ? 13.951  -0.753  -1.185  1.00 25.06 ? 13 G   A "C4'" 1 
ATOM   262 O  "O4'" . G   A 1 13 ? 12.694  -0.101  -0.851  1.00 25.27 ? 13 G   A "O4'" 1 
ATOM   263 C  "C3'" . G   A 1 13 ? 13.830  -2.106  -0.496  1.00 24.26 ? 13 G   A "C3'" 1 
ATOM   264 O  "O3'" . G   A 1 13 ? 15.081  -2.743  -0.317  1.00 25.65 ? 13 G   A "O3'" 1 
ATOM   265 C  "C2'" . G   A 1 13 ? 13.177  -1.715  0.818   1.00 21.12 ? 13 G   A "C2'" 1 
ATOM   266 O  "O2'" . G   A 1 13 ? 14.113  -1.095  1.685   1.00 24.54 ? 13 G   A "O2'" 1 
ATOM   267 C  "C1'" . G   A 1 13 ? 12.177  -0.667  0.343   1.00 24.18 ? 13 G   A "C1'" 1 
ATOM   268 N  N9    . G   A 1 13 ? 10.884  -1.279  0.073   1.00 20.41 ? 13 G   A N9    1 
ATOM   269 C  C8    . G   A 1 13 ? 10.365  -1.685  -1.132  1.00 20.55 ? 13 G   A C8    1 
ATOM   270 N  N7    . G   A 1 13 ? 9.183   -2.231  -1.018  1.00 22.73 ? 13 G   A N7    1 
ATOM   271 C  C5    . G   A 1 13 ? 8.910   -2.173  0.340   1.00 20.78 ? 13 G   A C5    1 
ATOM   272 C  C6    . G   A 1 13 ? 7.777   -2.620  1.081   1.00 22.14 ? 13 G   A C6    1 
ATOM   273 O  O6    . G   A 1 13 ? 6.760   -3.174  0.664   1.00 23.19 ? 13 G   A O6    1 
ATOM   274 N  N1    . G   A 1 13 ? 7.924   -2.365  2.441   1.00 21.19 ? 13 G   A N1    1 
ATOM   275 C  C2    . G   A 1 13 ? 9.018   -1.770  3.019   1.00 20.45 ? 13 G   A C2    1 
ATOM   276 N  N2    . G   A 1 13 ? 8.987   -1.615  4.355   1.00 22.45 ? 13 G   A N2    1 
ATOM   277 N  N3    . G   A 1 13 ? 10.073  -1.354  2.340   1.00 20.35 ? 13 G   A N3    1 
ATOM   278 C  C4    . G   A 1 13 ? 9.950   -1.585  1.023   1.00 21.88 ? 13 G   A C4    1 
ATOM   279 P  P     . C   A 1 14 ? 15.161  -4.346  -0.276  1.00 25.57 ? 14 C   A P     1 
ATOM   280 O  OP1   . C   A 1 14 ? 16.598  -4.740  -0.221  1.00 26.19 ? 14 C   A OP1   1 
ATOM   281 O  OP2   . C   A 1 14 ? 14.285  -4.895  -1.347  1.00 25.27 ? 14 C   A OP2   1 
ATOM   282 O  "O5'" . C   A 1 14 ? 14.517  -4.753  1.116   1.00 25.38 ? 14 C   A "O5'" 1 
ATOM   283 C  "C5'" . C   A 1 14 ? 15.233  -4.485  2.304   1.00 22.76 ? 14 C   A "C5'" 1 
ATOM   284 C  "C4'" . C   A 1 14 ? 14.381  -4.727  3.520   1.00 22.65 ? 14 C   A "C4'" 1 
ATOM   285 O  "O4'" . C   A 1 14 ? 13.162  -3.944  3.416   1.00 22.01 ? 14 C   A "O4'" 1 
ATOM   286 C  "C3'" . C   A 1 14 ? 13.870  -6.145  3.709   1.00 23.12 ? 14 C   A "C3'" 1 
ATOM   287 O  "O3'" . C   A 1 14 ? 14.863  -6.981  4.277   1.00 24.74 ? 14 C   A "O3'" 1 
ATOM   288 C  "C2'" . C   A 1 14 ? 12.689  -5.912  4.636   1.00 20.22 ? 14 C   A "C2'" 1 
ATOM   289 O  "O2'" . C   A 1 14 ? 13.136  -5.578  5.938   1.00 22.07 ? 14 C   A "O2'" 1 
ATOM   290 C  "C1'" . C   A 1 14 ? 12.095  -4.642  4.039   1.00 20.39 ? 14 C   A "C1'" 1 
ATOM   291 N  N1    . C   A 1 14 ? 11.072  -4.976  3.040   1.00 19.84 ? 14 C   A N1    1 
ATOM   292 C  C2    . C   A 1 14 ? 9.805   -5.350  3.497   1.00 19.06 ? 14 C   A C2    1 
ATOM   293 O  O2    . C   A 1 14 ? 9.595   -5.367  4.721   1.00 20.75 ? 14 C   A O2    1 
ATOM   294 N  N3    . C   A 1 14 ? 8.848   -5.691  2.601   1.00 20.57 ? 14 C   A N3    1 
ATOM   295 C  C4    . C   A 1 14 ? 9.123   -5.673  1.295   1.00 20.45 ? 14 C   A C4    1 
ATOM   296 N  N4    . C   A 1 14 ? 8.144   -6.031  0.441   1.00 21.20 ? 14 C   A N4    1 
ATOM   297 C  C5    . C   A 1 14 ? 10.408  -5.293  0.799   1.00 20.12 ? 14 C   A C5    1 
ATOM   298 C  C6    . C   A 1 14 ? 11.345  -4.949  1.700   1.00 19.91 ? 14 C   A C6    1 
ATOM   299 P  P     . A   A 1 15 ? 14.832  -8.568  4.002   1.00 24.49 ? 15 A   A P     1 
ATOM   300 O  OP1   . A   A 1 15 ? 16.084  -9.140  4.575   1.00 29.37 ? 15 A   A OP1   1 
ATOM   301 O  OP2   . A   A 1 15 ? 14.487  -8.835  2.584   1.00 28.72 ? 15 A   A OP2   1 
ATOM   302 O  "O5'" . A   A 1 15 ? 13.638  -9.093  4.904   1.00 24.62 ? 15 A   A "O5'" 1 
ATOM   303 C  "C5'" . A   A 1 15 ? 13.641  -8.873  6.301   1.00 26.25 ? 15 A   A "C5'" 1 
ATOM   304 C  "C4'" . A   A 1 15 ? 12.304  -9.241  6.875   1.00 26.83 ? 15 A   A "C4'" 1 
ATOM   305 O  "O4'" . A   A 1 15 ? 11.296  -8.379  6.286   1.00 27.01 ? 15 A   A "O4'" 1 
ATOM   306 C  "C3'" . A   A 1 15 ? 11.829  -10.644 6.537   1.00 26.82 ? 15 A   A "C3'" 1 
ATOM   307 O  "O3'" . A   A 1 15 ? 12.383  -11.613 7.426   1.00 29.18 ? 15 A   A "O3'" 1 
ATOM   308 C  "C2'" . A   A 1 15 ? 10.322  -10.498 6.690   1.00 26.39 ? 15 A   A "C2'" 1 
ATOM   309 O  "O2'" . A   A 1 15 ? 9.941   -10.456 8.050   1.00 28.63 ? 15 A   A "O2'" 1 
ATOM   310 C  "C1'" . A   A 1 15 ? 10.098  -9.107  6.102   1.00 25.32 ? 15 A   A "C1'" 1 
ATOM   311 N  N9    . A   A 1 15 ? 9.777   -9.112  4.678   1.00 22.19 ? 15 A   A N9    1 
ATOM   312 C  C8    . A   A 1 15 ? 10.580  -8.796  3.614   1.00 20.99 ? 15 A   A C8    1 
ATOM   313 N  N7    . A   A 1 15 ? 9.972   -8.860  2.455   1.00 19.67 ? 15 A   A N7    1 
ATOM   314 C  C5    . A   A 1 15 ? 8.676   -9.249  2.780   1.00 21.91 ? 15 A   A C5    1 
ATOM   315 C  C6    . A   A 1 15 ? 7.512   -9.483  1.997   1.00 20.10 ? 15 A   A C6    1 
ATOM   316 N  N6    . A   A 1 15 ? 7.456   -9.342  0.666   1.00 22.13 ? 15 A   A N6    1 
ATOM   317 N  N1    . A   A 1 15 ? 6.390   -9.863  2.647   1.00 21.34 ? 15 A   A N1    1 
ATOM   318 C  C2    . A   A 1 15 ? 6.431   -9.994  3.981   1.00 21.34 ? 15 A   A C2    1 
ATOM   319 N  N3    . A   A 1 15 ? 7.450   -9.796  4.817   1.00 25.14 ? 15 A   A N3    1 
ATOM   320 C  C4    . A   A 1 15 ? 8.551   -9.420  4.144   1.00 21.48 ? 15 A   A C4    1 
HETATM 321 P  P     . 5BU A 1 16 ? 12.523  -13.150 6.950   1.00 28.60 ? 16 5BU A P     1 
HETATM 322 O  OP1   . 5BU A 1 16 ? 13.291  -13.866 7.994   1.00 32.87 ? 16 5BU A OP1   1 
HETATM 323 O  OP2   . 5BU A 1 16 ? 12.967  -13.218 5.542   1.00 28.58 ? 16 5BU A OP2   1 
HETATM 324 O  "O5'" . 5BU A 1 16 ? 11.034  -13.694 6.984   1.00 31.70 ? 16 5BU A "O5'" 1 
HETATM 325 C  "C5'" . 5BU A 1 16 ? 10.335  -13.786 8.207   1.00 32.13 ? 16 5BU A "C5'" 1 
HETATM 326 C  "C4'" . 5BU A 1 16 ? 8.915   -14.191 7.946   1.00 33.64 ? 16 5BU A "C4'" 1 
HETATM 327 O  "O4'" . 5BU A 1 16 ? 8.299   -13.173 7.113   1.00 34.51 ? 16 5BU A "O4'" 1 
HETATM 328 C  "C3'" . 5BU A 1 16 ? 8.749   -15.466 7.136   1.00 35.16 ? 16 5BU A "C3'" 1 
HETATM 329 O  "O3'" . 5BU A 1 16 ? 8.844   -16.630 7.947   1.00 38.18 ? 16 5BU A "O3'" 1 
HETATM 330 C  "C2'" . 5BU A 1 16 ? 7.360   -15.276 6.543   1.00 34.49 ? 16 5BU A "C2'" 1 
HETATM 331 O  "O2'" . 5BU A 1 16 ? 6.355   -15.506 7.508   1.00 37.73 ? 16 5BU A "O2'" 1 
HETATM 332 C  "C1'" . 5BU A 1 16 ? 7.383   -13.781 6.225   1.00 32.62 ? 16 5BU A "C1'" 1 
HETATM 333 N  N1    . 5BU A 1 16 ? 7.776   -13.464 4.843   1.00 29.21 ? 16 5BU A N1    1 
HETATM 334 C  C2    . 5BU A 1 16 ? 6.775   -13.536 3.907   1.00 28.60 ? 16 5BU A C2    1 
HETATM 335 O  O2    . 5BU A 1 16 ? 5.635   -13.895 4.198   1.00 30.23 ? 16 5BU A O2    1 
HETATM 336 N  N3    . 5BU A 1 16 ? 7.136   -13.180 2.632   1.00 25.77 ? 16 5BU A N3    1 
HETATM 337 C  C4    . 5BU A 1 16 ? 8.392   -12.765 2.195   1.00 25.71 ? 16 5BU A C4    1 
HETATM 338 O  O4    . 5BU A 1 16 ? 8.527   -12.443 1.015   1.00 25.29 ? 16 5BU A O4    1 
HETATM 339 C  C5    . 5BU A 1 16 ? 9.416   -12.739 3.219   1.00 26.25 ? 16 5BU A C5    1 
HETATM 340 C  C6    . 5BU A 1 16 ? 9.078   -13.086 4.485   1.00 25.76 ? 16 5BU A C6    1 
HETATM 341 BR BR    . 5BU A 1 16 ? 10.999  -12.291 2.842   1.00 29.90 ? 16 5BU A BR    1 
ATOM   342 P  P     . C   A 1 17 ? 9.454   -17.986 7.327   1.00 40.48 ? 17 C   A P     1 
ATOM   343 O  OP1   . C   A 1 17 ? 9.516   -18.976 8.439   1.00 41.35 ? 17 C   A OP1   1 
ATOM   344 O  OP2   . C   A 1 17 ? 10.688  -17.664 6.560   1.00 40.87 ? 17 C   A OP2   1 
ATOM   345 O  "O5'" . C   A 1 17 ? 8.352   -18.459 6.290   1.00 38.78 ? 17 C   A "O5'" 1 
ATOM   346 C  "C5'" . C   A 1 17 ? 7.067   -18.842 6.743   1.00 38.23 ? 17 C   A "C5'" 1 
ATOM   347 C  "C4'" . C   A 1 17 ? 6.110   -18.909 5.586   1.00 36.79 ? 17 C   A "C4'" 1 
ATOM   348 O  "O4'" . C   A 1 17 ? 6.024   -17.600 4.964   1.00 34.56 ? 17 C   A "O4'" 1 
ATOM   349 C  "C3'" . C   A 1 17 ? 6.553   -19.818 4.456   1.00 36.67 ? 17 C   A "C3'" 1 
ATOM   350 O  "O3'" . C   A 1 17 ? 6.216   -21.165 4.741   1.00 38.95 ? 17 C   A "O3'" 1 
ATOM   351 C  "C2'" . C   A 1 17 ? 5.791   -19.248 3.268   1.00 34.98 ? 17 C   A "C2'" 1 
ATOM   352 O  "O2'" . C   A 1 17 ? 4.436   -19.646 3.195   1.00 37.30 ? 17 C   A "O2'" 1 
ATOM   353 C  "C1'" . C   A 1 17 ? 5.859   -17.752 3.566   1.00 32.94 ? 17 C   A "C1'" 1 
ATOM   354 N  N1    . C   A 1 17 ? 6.991   -17.127 2.869   1.00 31.45 ? 17 C   A N1    1 
ATOM   355 C  C2    . C   A 1 17 ? 6.813   -16.785 1.542   1.00 28.56 ? 17 C   A C2    1 
ATOM   356 O  O2    . C   A 1 17 ? 5.709   -17.010 1.022   1.00 30.68 ? 17 C   A O2    1 
ATOM   357 N  N3    . C   A 1 17 ? 7.835   -16.220 0.851   1.00 31.06 ? 17 C   A N3    1 
ATOM   358 C  C4    . C   A 1 17 ? 9.002   -15.999 1.459   1.00 29.72 ? 17 C   A C4    1 
ATOM   359 N  N4    . C   A 1 17 ? 9.986   -15.440 0.745   1.00 28.29 ? 17 C   A N4    1 
ATOM   360 C  C5    . C   A 1 17 ? 9.214   -16.339 2.826   1.00 29.46 ? 17 C   A C5    1 
ATOM   361 C  C6    . C   A 1 17 ? 8.187   -16.896 3.490   1.00 29.76 ? 17 C   A C6    1 
ATOM   362 P  P     . C   A 1 18 ? 7.121   -22.349 4.149   1.00 39.61 ? 18 C   A P     1 
ATOM   363 O  OP1   . C   A 1 18 ? 6.703   -23.601 4.841   1.00 42.47 ? 18 C   A OP1   1 
ATOM   364 O  OP2   . C   A 1 18 ? 8.544   -21.923 4.198   1.00 40.43 ? 18 C   A OP2   1 
ATOM   365 O  "O5'" . C   A 1 18 ? 6.652   -22.429 2.633   1.00 39.13 ? 18 C   A "O5'" 1 
ATOM   366 C  "C5'" . C   A 1 18 ? 5.299   -22.736 2.339   1.00 39.26 ? 18 C   A "C5'" 1 
ATOM   367 C  "C4'" . C   A 1 18 ? 5.049   -22.674 0.861   1.00 38.30 ? 18 C   A "C4'" 1 
ATOM   368 O  "O4'" . C   A 1 18 ? 5.101   -21.292 0.415   1.00 37.36 ? 18 C   A "O4'" 1 
ATOM   369 C  "C3'" . C   A 1 18 ? 6.099   -23.375 0.019   1.00 39.61 ? 18 C   A "C3'" 1 
ATOM   370 O  "O3'" . C   A 1 18 ? 5.820   -24.772 -0.067  1.00 40.41 ? 18 C   A "O3'" 1 
ATOM   371 C  "C2'" . C   A 1 18 ? 5.938   -22.677 -1.327  1.00 38.13 ? 18 C   A "C2'" 1 
ATOM   372 O  "O2'" . C   A 1 18 ? 4.833   -23.184 -2.044  1.00 39.82 ? 18 C   A "O2'" 1 
ATOM   373 C  "C1'" . C   A 1 18 ? 5.625   -21.240 -0.898  1.00 36.47 ? 18 C   A "C1'" 1 
ATOM   374 N  N1    . C   A 1 18 ? 6.771   -20.316 -0.939  1.00 35.13 ? 18 C   A N1    1 
ATOM   375 C  C2    . C   A 1 18 ? 6.899   -19.470 -2.045  1.00 34.10 ? 18 C   A C2    1 
ATOM   376 O  O2    . C   A 1 18 ? 6.040   -19.514 -2.933  1.00 35.49 ? 18 C   A O2    1 
ATOM   377 N  N3    . C   A 1 18 ? 7.953   -18.624 -2.117  1.00 33.81 ? 18 C   A N3    1 
ATOM   378 C  C4    . C   A 1 18 ? 8.861   -18.605 -1.139  1.00 33.71 ? 18 C   A C4    1 
ATOM   379 N  N4    . C   A 1 18 ? 9.885   -17.755 -1.256  1.00 32.98 ? 18 C   A N4    1 
ATOM   380 C  C5    . C   A 1 18 ? 8.756   -19.455 0.003   1.00 33.22 ? 18 C   A C5    1 
ATOM   381 C  C6    . C   A 1 18 ? 7.702   -20.286 0.063   1.00 33.68 ? 18 C   A C6    1 
ATOM   382 P  P     . C   A 1 19 ? 6.999   -25.836 0.172   1.00 45.37 ? 19 C   A P     1 
ATOM   383 O  OP1   . C   A 1 19 ? 7.531   -25.664 1.547   1.00 27.02 ? 19 C   A OP1   1 
ATOM   384 O  OP2   . C   A 1 19 ? 7.912   -25.699 -0.980  1.00 27.02 ? 19 C   A OP2   1 
ATOM   385 O  "O5'" . C   A 1 19 ? 6.704   -27.203 -0.277  1.00 28.55 ? 19 C   A "O5'" 1 
ATOM   386 C  "C5'" . C   A 1 19 ? 7.432   -28.384 0.045   1.00 28.55 ? 19 C   A "C5'" 1 
ATOM   387 C  "C4'" . C   A 1 19 ? 7.731   -29.169 -1.210  1.00 28.55 ? 19 C   A "C4'" 1 
ATOM   388 O  "O4'" . C   A 1 19 ? 8.485   -28.334 -2.127  1.00 28.55 ? 19 C   A "O4'" 1 
ATOM   389 C  "C3'" . C   A 1 19 ? 8.617   -30.389 -1.015  1.00 28.55 ? 19 C   A "C3'" 1 
ATOM   390 O  "O3'" . C   A 1 19 ? 7.925   -31.523 -0.479  1.00 28.55 ? 19 C   A "O3'" 1 
ATOM   391 C  "C2'" . C   A 1 19 ? 9.199   -30.582 -2.408  1.00 28.55 ? 19 C   A "C2'" 1 
ATOM   392 O  "O2'" . C   A 1 19 ? 8.292   -31.201 -3.299  1.00 28.55 ? 19 C   A "O2'" 1 
ATOM   393 C  "C1'" . C   A 1 19 ? 9.425   -29.131 -2.837  1.00 28.55 ? 19 C   A "C1'" 1 
ATOM   394 N  N1    . C   A 1 19 ? 10.788  -28.644 -2.537  1.00 28.55 ? 19 C   A N1    1 
ATOM   395 C  C2    . C   A 1 19 ? 11.797  -28.766 -3.534  1.00 28.55 ? 19 C   A C2    1 
ATOM   396 O  O2    . C   A 1 19 ? 11.514  -29.272 -4.633  1.00 28.55 ? 19 C   A O2    1 
ATOM   397 N  N3    . C   A 1 19 ? 13.055  -28.321 -3.251  1.00 28.55 ? 19 C   A N3    1 
ATOM   398 C  C4    . C   A 1 19 ? 13.330  -27.779 -2.050  1.00 28.55 ? 19 C   A C4    1 
ATOM   399 N  N4    . C   A 1 19 ? 14.577  -27.361 -1.823  1.00 28.55 ? 19 C   A N4    1 
ATOM   400 C  C5    . C   A 1 19 ? 12.329  -27.644 -1.027  1.00 28.55 ? 19 C   A C5    1 
ATOM   401 C  C6    . C   A 1 19 ? 11.085  -28.086 -1.313  1.00 28.55 ? 19 C   A C6    1 
HETATM 402 O  O     . HOH B 2 .  ? 8.561   5.614   -0.831  1.00 27.25 ? 20 HOH A O     1 
HETATM 403 O  O     . HOH B 2 .  ? -14.894 -3.458  -0.260  1.00 30.74 ? 21 HOH A O     1 
HETATM 404 O  O     . HOH B 2 .  ? -4.576  -1.598  -12.688 1.00 32.69 ? 22 HOH A O     1 
HETATM 405 O  O     . HOH B 2 .  ? 10.371  -11.583 -0.772  1.00 35.05 ? 23 HOH A O     1 
HETATM 406 O  O     . HOH B 2 .  ? 13.798  2.885   -1.504  1.00 32.72 ? 24 HOH A O     1 
HETATM 407 O  O     . HOH B 2 .  ? 14.787  -0.052  -7.557  1.00 36.31 ? 25 HOH A O     1 
HETATM 408 O  O     . HOH B 2 .  ? -9.707  0.627   0.935   1.00 37.01 ? 26 HOH A O     1 
HETATM 409 O  O     . HOH B 2 .  ? -6.600  2.576   0.440   1.00 36.55 ? 27 HOH A O     1 
HETATM 410 O  O     . HOH B 2 .  ? 15.610  -5.326  -3.793  1.00 33.38 ? 28 HOH A O     1 
HETATM 411 O  O     . HOH B 2 .  ? -8.547  11.740  -0.346  1.00 36.51 ? 29 HOH A O     1 
HETATM 412 O  O     . HOH B 2 .  ? 12.253  -17.862 0.530   1.00 42.98 ? 30 HOH A O     1 
HETATM 413 O  O     . HOH B 2 .  ? -7.448  8.562   1.426   1.00 35.84 ? 31 HOH A O     1 
HETATM 414 O  O     . HOH B 2 .  ? -7.890  7.575   4.330   1.00 39.56 ? 32 HOH A O     1 
HETATM 415 O  O     . HOH B 2 .  ? 8.812   -6.193  -2.261  1.00 35.26 ? 33 HOH A O     1 
HETATM 416 O  O     . HOH B 2 .  ? -4.706  0.612   -2.318  1.00 35.01 ? 34 HOH A O     1 
HETATM 417 O  O     . HOH B 2 .  ? 12.057  -8.812  0.781   1.00 42.25 ? 35 HOH A O     1 
HETATM 418 O  O     . HOH B 2 .  ? -7.535  11.039  2.404   1.00 37.33 ? 36 HOH A O     1 
HETATM 419 O  O     . HOH B 2 .  ? -8.323  -7.206  -7.378  1.00 39.19 ? 37 HOH A O     1 
HETATM 420 O  O     . HOH B 2 .  ? 2.038   -0.140  -2.596  1.00 42.38 ? 38 HOH A O     1 
HETATM 421 O  O     . HOH B 2 .  ? -15.820 7.274   5.992   1.00 40.29 ? 39 HOH A O     1 
HETATM 422 O  O     . HOH B 2 .  ? 3.851   -1.238  -0.439  1.00 35.23 ? 40 HOH A O     1 
HETATM 423 O  O     . HOH B 2 .  ? 7.022   -9.833  7.443   1.00 42.39 ? 41 HOH A O     1 
HETATM 424 O  O     . HOH B 2 .  ? -9.256  3.324   3.488   1.00 44.97 ? 42 HOH A O     1 
HETATM 425 O  O     . HOH B 2 .  ? -16.645 1.457   3.521   1.00 43.45 ? 43 HOH A O     1 
HETATM 426 O  O     . HOH B 2 .  ? 5.208   -1.572  -2.733  1.00 39.89 ? 44 HOH A O     1 
HETATM 427 O  O     . HOH B 2 .  ? -15.533 -0.023  5.507   1.00 41.70 ? 45 HOH A O     1 
HETATM 428 O  O     . HOH B 2 .  ? 11.924  -4.855  -2.639  1.00 40.69 ? 46 HOH A O     1 
HETATM 429 O  O     . HOH B 2 .  ? -13.710 6.025   9.185   1.00 41.30 ? 47 HOH A O     1 
HETATM 430 O  O     . HOH B 2 .  ? 10.911  -21.831 6.005   1.00 46.24 ? 48 HOH A O     1 
HETATM 431 O  O     . HOH B 2 .  ? -7.372  4.944   2.117   1.00 39.76 ? 49 HOH A O     1 
HETATM 432 O  O     . HOH B 2 .  ? -8.204  -1.762  -1.671  1.00 39.51 ? 50 HOH A O     1 
HETATM 433 O  O     . HOH B 2 .  ? -2.153  -0.680  -2.653  1.00 41.40 ? 51 HOH A O     1 
HETATM 434 O  O     . HOH B 2 .  ? -10.326 0.692   7.473   1.00 47.90 ? 52 HOH A O     1 
HETATM 435 O  O     . HOH B 2 .  ? 12.052  -15.768 4.443   1.00 40.49 ? 53 HOH A O     1 
HETATM 436 O  O     . HOH B 2 .  ? -7.021  -1.559  -3.929  1.00 38.72 ? 54 HOH A O     1 
HETATM 437 O  O     . HOH B 2 .  ? 12.824  -15.617 1.730   1.00 45.01 ? 55 HOH A O     1 
HETATM 438 O  O     . HOH B 2 .  ? 9.409   -2.742  -3.983  1.00 40.99 ? 56 HOH A O     1 
HETATM 439 O  O     . HOH B 2 .  ? -11.536 -2.313  1.991   1.00 46.30 ? 57 HOH A O     1 
# 
